data_6ORR
#
_entry.id   6ORR
#
_cell.length_a   46.074
_cell.length_b   62.203
_cell.length_c   108.202
_cell.angle_alpha   82.519
_cell.angle_beta   81.844
_cell.angle_gamma   68.353
#
_symmetry.space_group_name_H-M   'P 1'
#
loop_
_entity.id
_entity.type
_entity.pdbx_description
1 polymer 'NNMT protein'
2 non-polymer 9-{9-amino-6-[(3-carbamoylphenyl)ethynyl]-5,6,7,8,9-pentadeoxy-D-glycero-alpha-L-talo-decofuranuronosyl}-9H-purin-6-amine
3 non-polymer GLYCEROL
4 water water
#
_entity_poly.entity_id   1
_entity_poly.type   'polypeptide(L)'
_entity_poly.pdbx_seq_one_letter_code
;MGSSHHHHHHSSGLVPRGSMESGFTSKDTYLSHFNPRDYLEKYYKFGSRHSAESQILKHLLKNLFKIFCLDGVKGDLLID
IGSGPTIYQLLSACESFKEIVVTDYSDQNLQELEKWLKAAPAAFDWSPVVTYVCDLEGNRVKGPEKEEKLRQAVKQVLKC
DVTQSQPLGAVPLPPADCVLSTLCLDAACPDLPTYCRALRNLGSLLKPGGFLVIMDALKSSYYMIGEQKFSSLPLGREAV
EAAVKEAGYTIEWFEVISQSYSSTMANNEGLFSLVARKLSRPL
;
_entity_poly.pdbx_strand_id   A,B,C,D
#
loop_
_chem_comp.id
_chem_comp.type
_chem_comp.name
_chem_comp.formula
GOL non-polymer GLYCEROL 'C3 H8 O3'
N37 non-polymer 9-{9-amino-6-[(3-carbamoylphenyl)ethynyl]-5,6,7,8,9-pentadeoxy-D-glycero-alpha-L-talo-decofuranuronosyl}-9H-purin-6-amine 'C24 H27 N7 O6'
#
# COMPACT_ATOMS: atom_id res chain seq x y z
N HIS A 9 -2.21 10.24 -17.35
CA HIS A 9 -2.64 8.99 -17.95
C HIS A 9 -2.45 7.81 -16.98
N HIS A 10 -3.55 7.27 -16.50
CA HIS A 10 -3.55 6.12 -15.60
C HIS A 10 -4.51 5.07 -16.15
N SER A 11 -4.09 3.81 -16.05
CA SER A 11 -4.90 2.70 -16.55
C SER A 11 -5.60 1.93 -15.46
N SER A 12 -5.19 2.10 -14.20
CA SER A 12 -5.84 1.48 -13.03
C SER A 12 -5.92 -0.04 -13.18
N GLY A 13 -4.75 -0.66 -13.31
CA GLY A 13 -4.64 -2.10 -13.32
C GLY A 13 -4.91 -2.78 -14.65
N LEU A 14 -5.46 -2.07 -15.64
CA LEU A 14 -5.70 -2.68 -16.94
C LEU A 14 -4.39 -3.09 -17.60
N VAL A 15 -3.42 -2.19 -17.61
CA VAL A 15 -2.08 -2.49 -18.11
C VAL A 15 -1.08 -1.94 -17.11
N PRO A 16 0.16 -2.44 -17.13
CA PRO A 16 1.18 -1.88 -16.24
C PRO A 16 1.39 -0.39 -16.45
N ARG A 17 1.86 0.28 -15.41
CA ARG A 17 2.09 1.72 -15.47
C ARG A 17 3.14 2.04 -16.52
N GLY A 18 2.87 3.08 -17.30
CA GLY A 18 3.81 3.49 -18.33
C GLY A 18 3.88 2.58 -19.53
N SER A 19 2.84 1.77 -19.77
CA SER A 19 2.86 0.80 -20.86
C SER A 19 1.68 0.92 -21.81
N MET A 20 0.79 1.90 -21.61
CA MET A 20 -0.40 1.99 -22.45
C MET A 20 -0.04 2.16 -23.92
N GLU A 21 1.00 2.93 -24.20
CA GLU A 21 1.39 3.25 -25.58
C GLU A 21 2.30 2.20 -26.18
N SER A 22 3.39 1.86 -25.49
CA SER A 22 4.42 0.99 -26.04
C SER A 22 4.23 -0.48 -25.67
N GLY A 23 3.29 -0.80 -24.79
CA GLY A 23 3.10 -2.16 -24.35
C GLY A 23 4.04 -2.61 -23.25
N PHE A 24 5.04 -1.80 -22.89
CA PHE A 24 5.98 -2.14 -21.84
C PHE A 24 6.29 -0.90 -21.03
N THR A 25 6.51 -1.09 -19.73
CA THR A 25 6.76 0.01 -18.82
C THR A 25 7.99 0.79 -19.25
N SER A 26 7.85 2.11 -19.36
CA SER A 26 8.95 2.95 -19.81
C SER A 26 9.93 3.20 -18.68
N LYS A 27 11.14 3.62 -19.05
CA LYS A 27 12.19 3.88 -18.06
C LYS A 27 11.82 5.05 -17.15
N ASP A 28 11.10 6.04 -17.68
CA ASP A 28 10.69 7.19 -16.86
C ASP A 28 9.80 6.77 -15.69
N THR A 29 9.04 5.69 -15.86
CA THR A 29 8.16 5.24 -14.78
C THR A 29 8.94 4.85 -13.54
N TYR A 30 10.14 4.28 -13.72
CA TYR A 30 10.95 3.89 -12.57
C TYR A 30 11.50 5.09 -11.80
N LEU A 31 11.74 6.22 -12.50
CA LEU A 31 12.23 7.41 -11.82
C LEU A 31 11.17 8.09 -10.97
N SER A 32 9.89 7.86 -11.25
CA SER A 32 8.82 8.57 -10.57
C SER A 32 7.88 7.68 -9.77
N HIS A 33 7.65 6.44 -10.19
CA HIS A 33 6.63 5.59 -9.57
C HIS A 33 7.20 4.37 -8.86
N PHE A 34 8.51 4.25 -8.76
CA PHE A 34 9.13 3.13 -8.04
C PHE A 34 9.55 3.65 -6.68
N ASN A 35 8.77 3.34 -5.65
CA ASN A 35 9.06 3.76 -4.29
C ASN A 35 9.93 2.69 -3.62
N PRO A 36 11.19 2.99 -3.30
CA PRO A 36 12.05 1.94 -2.72
C PRO A 36 11.57 1.46 -1.37
N ARG A 37 11.00 2.33 -0.54
CA ARG A 37 10.51 1.92 0.77
C ARG A 37 9.36 0.92 0.63
N ASP A 38 8.39 1.24 -0.23
CA ASP A 38 7.26 0.32 -0.41
C ASP A 38 7.68 -0.99 -1.06
N TYR A 39 8.69 -0.95 -1.94
CA TYR A 39 9.19 -2.19 -2.53
C TYR A 39 9.85 -3.08 -1.48
N LEU A 40 10.69 -2.47 -0.63
CA LEU A 40 11.36 -3.26 0.41
C LEU A 40 10.35 -3.79 1.42
N GLU A 41 9.30 -3.02 1.72
CA GLU A 41 8.30 -3.48 2.67
C GLU A 41 7.47 -4.61 2.08
N LYS A 42 7.34 -4.64 0.75
CA LYS A 42 6.47 -5.63 0.11
C LYS A 42 7.18 -6.96 -0.11
N TYR A 43 8.47 -6.92 -0.47
CA TYR A 43 9.20 -8.10 -0.89
C TYR A 43 10.25 -8.58 0.11
N TYR A 44 10.77 -7.68 0.95
CA TYR A 44 11.87 -8.02 1.84
C TYR A 44 11.57 -7.69 3.30
N LYS A 45 10.32 -7.34 3.61
CA LYS A 45 9.83 -7.18 4.97
C LYS A 45 8.68 -8.16 5.16
N PHE A 46 8.79 -9.03 6.16
CA PHE A 46 7.93 -10.20 6.27
C PHE A 46 7.09 -10.11 7.53
N GLY A 47 5.77 -10.08 7.36
CA GLY A 47 4.85 -10.04 8.49
C GLY A 47 4.65 -11.39 9.13
N SER A 48 4.48 -12.43 8.32
CA SER A 48 4.34 -13.80 8.80
C SER A 48 5.37 -14.68 8.11
N ARG A 49 6.00 -15.55 8.89
CA ARG A 49 7.08 -16.37 8.37
C ARG A 49 6.55 -17.36 7.33
N HIS A 50 7.50 -17.94 6.57
CA HIS A 50 7.21 -18.95 5.56
C HIS A 50 6.33 -18.41 4.43
N SER A 51 6.39 -17.11 4.20
CA SER A 51 5.66 -16.50 3.09
C SER A 51 6.34 -16.82 1.77
N ALA A 52 5.56 -16.76 0.69
CA ALA A 52 6.08 -17.08 -0.63
C ALA A 52 7.24 -16.19 -1.01
N GLU A 53 7.20 -14.91 -0.62
CA GLU A 53 8.32 -14.03 -0.90
C GLU A 53 9.51 -14.31 0.00
N SER A 54 9.27 -14.88 1.18
CA SER A 54 10.38 -15.26 2.05
C SER A 54 11.08 -16.51 1.55
N GLN A 55 10.31 -17.45 0.98
CA GLN A 55 10.91 -18.66 0.43
C GLN A 55 11.79 -18.34 -0.78
N ILE A 56 11.37 -17.39 -1.61
CA ILE A 56 12.17 -17.01 -2.77
C ILE A 56 13.47 -16.34 -2.33
N LEU A 57 13.38 -15.46 -1.32
CA LEU A 57 14.59 -14.81 -0.82
C LEU A 57 15.57 -15.82 -0.25
N LYS A 58 15.05 -16.80 0.50
CA LYS A 58 15.92 -17.81 1.10
C LYS A 58 16.61 -18.65 0.03
N HIS A 59 15.91 -18.94 -1.07
CA HIS A 59 16.54 -19.68 -2.16
C HIS A 59 17.57 -18.83 -2.89
N LEU A 60 17.30 -17.54 -3.06
CA LEU A 60 18.27 -16.66 -3.70
C LEU A 60 19.54 -16.56 -2.87
N LEU A 61 19.39 -16.42 -1.54
CA LEU A 61 20.56 -16.33 -0.67
C LEU A 61 21.38 -17.61 -0.69
N LYS A 62 20.71 -18.77 -0.76
CA LYS A 62 21.43 -20.04 -0.76
C LYS A 62 22.19 -20.24 -2.06
N ASN A 63 21.62 -19.81 -3.19
CA ASN A 63 22.34 -19.91 -4.45
C ASN A 63 23.53 -18.97 -4.49
N LEU A 64 23.34 -17.71 -4.05
CA LEU A 64 24.45 -16.78 -3.99
C LEU A 64 25.55 -17.28 -3.06
N PHE A 65 25.15 -17.91 -1.96
CA PHE A 65 26.12 -18.54 -1.06
C PHE A 65 26.89 -19.65 -1.77
N LYS A 66 26.18 -20.51 -2.49
CA LYS A 66 26.84 -21.60 -3.20
C LYS A 66 27.73 -21.08 -4.32
N ILE A 67 27.32 -20.00 -4.98
CA ILE A 67 28.09 -19.48 -6.11
C ILE A 67 29.39 -18.86 -5.64
N PHE A 68 29.31 -17.97 -4.64
CA PHE A 68 30.48 -17.18 -4.25
C PHE A 68 31.32 -17.84 -3.17
N CYS A 69 30.74 -18.67 -2.31
CA CYS A 69 31.49 -19.30 -1.23
C CYS A 69 31.86 -20.75 -1.53
N LEU A 70 30.92 -21.55 -2.02
CA LEU A 70 31.21 -22.95 -2.29
C LEU A 70 31.94 -23.12 -3.61
N ASP A 71 31.52 -22.39 -4.65
CA ASP A 71 32.19 -22.44 -5.94
C ASP A 71 33.37 -21.47 -5.95
N GLY A 72 34.08 -21.42 -7.07
CA GLY A 72 35.23 -20.54 -7.18
C GLY A 72 34.95 -19.24 -7.91
N VAL A 73 33.78 -18.64 -7.66
CA VAL A 73 33.42 -17.35 -8.25
C VAL A 73 33.98 -16.28 -7.32
N LYS A 74 35.18 -15.80 -7.65
CA LYS A 74 35.81 -14.73 -6.88
C LYS A 74 36.62 -13.87 -7.83
N GLY A 75 37.13 -12.76 -7.31
CA GLY A 75 37.87 -11.83 -8.13
C GLY A 75 38.12 -10.53 -7.39
N ASP A 76 38.53 -9.51 -8.15
CA ASP A 76 38.83 -8.19 -7.59
C ASP A 76 37.62 -7.28 -7.61
N LEU A 77 36.89 -7.23 -8.72
CA LEU A 77 35.79 -6.29 -8.90
C LEU A 77 34.50 -7.03 -9.22
N LEU A 78 33.45 -6.70 -8.48
CA LEU A 78 32.10 -7.17 -8.74
C LEU A 78 31.20 -5.97 -9.01
N ILE A 79 30.44 -6.03 -10.09
CA ILE A 79 29.49 -4.99 -10.45
C ILE A 79 28.09 -5.57 -10.33
N ASP A 80 27.24 -4.92 -9.53
CA ASP A 80 25.85 -5.33 -9.37
C ASP A 80 24.97 -4.45 -10.25
N ILE A 81 24.22 -5.06 -11.15
CA ILE A 81 23.43 -4.35 -12.15
C ILE A 81 21.96 -4.43 -11.74
N GLY A 82 21.31 -3.27 -11.71
CA GLY A 82 19.90 -3.22 -11.36
C GLY A 82 19.61 -3.65 -9.94
N SER A 83 20.43 -3.20 -8.99
CA SER A 83 20.31 -3.66 -7.61
C SER A 83 19.03 -3.18 -6.95
N GLY A 84 18.48 -2.06 -7.39
CA GLY A 84 17.36 -1.45 -6.73
C GLY A 84 17.75 -0.99 -5.33
N PRO A 85 16.83 -1.06 -4.39
CA PRO A 85 17.14 -0.67 -3.00
C PRO A 85 17.65 -1.82 -2.15
N THR A 86 18.06 -2.93 -2.75
CA THR A 86 18.38 -4.14 -2.01
C THR A 86 19.89 -4.33 -1.89
N ILE A 87 20.30 -4.99 -0.81
CA ILE A 87 21.69 -5.36 -0.59
C ILE A 87 21.87 -6.83 -0.24
N TYR A 88 20.79 -7.61 -0.20
CA TYR A 88 20.90 -9.02 0.17
C TYR A 88 21.78 -9.79 -0.81
N GLN A 89 21.77 -9.40 -2.09
CA GLN A 89 22.49 -10.12 -3.13
C GLN A 89 24.00 -9.93 -3.05
N LEU A 90 24.49 -9.14 -2.09
CA LEU A 90 25.92 -8.85 -1.96
C LEU A 90 26.53 -9.41 -0.68
N LEU A 91 25.75 -10.06 0.17
CA LEU A 91 26.25 -10.48 1.47
C LEU A 91 27.30 -11.57 1.34
N SER A 92 27.03 -12.60 0.53
CA SER A 92 28.04 -13.63 0.31
C SER A 92 29.13 -13.15 -0.64
N ALA A 93 28.81 -12.23 -1.55
CA ALA A 93 29.77 -11.81 -2.56
C ALA A 93 30.93 -11.00 -1.97
N CYS A 94 30.68 -10.26 -0.88
CA CYS A 94 31.74 -9.47 -0.29
C CYS A 94 32.82 -10.32 0.36
N GLU A 95 32.57 -11.62 0.56
CA GLU A 95 33.60 -12.52 1.06
C GLU A 95 34.53 -13.00 -0.05
N SER A 96 34.10 -12.91 -1.32
CA SER A 96 34.90 -13.39 -2.44
C SER A 96 35.49 -12.27 -3.29
N PHE A 97 35.00 -11.04 -3.17
CA PHE A 97 35.48 -9.92 -3.97
C PHE A 97 35.95 -8.80 -3.05
N LYS A 98 37.04 -8.14 -3.46
CA LYS A 98 37.59 -7.04 -2.66
C LYS A 98 36.74 -5.78 -2.78
N GLU A 99 36.25 -5.47 -3.98
CA GLU A 99 35.52 -4.24 -4.24
C GLU A 99 34.22 -4.56 -4.98
N ILE A 100 33.16 -3.89 -4.57
CA ILE A 100 31.82 -4.09 -5.13
C ILE A 100 31.29 -2.74 -5.61
N VAL A 101 30.75 -2.71 -6.82
CA VAL A 101 30.13 -1.53 -7.38
C VAL A 101 28.64 -1.83 -7.57
N VAL A 102 27.79 -1.01 -6.98
CA VAL A 102 26.35 -1.20 -6.98
C VAL A 102 25.73 -0.18 -7.91
N THR A 103 24.78 -0.63 -8.75
CA THR A 103 24.20 0.23 -9.77
C THR A 103 22.70 -0.02 -9.88
N ASP A 104 21.99 1.01 -10.28
CA ASP A 104 20.55 0.94 -10.57
C ASP A 104 20.16 2.15 -11.39
N TYR A 105 19.04 2.03 -12.10
CA TYR A 105 18.57 3.14 -12.93
C TYR A 105 17.81 4.18 -12.12
N SER A 106 17.08 3.74 -11.09
CA SER A 106 16.26 4.64 -10.30
C SER A 106 17.11 5.44 -9.32
N ASP A 107 17.00 6.77 -9.39
CA ASP A 107 17.74 7.62 -8.46
C ASP A 107 17.24 7.46 -7.03
N GLN A 108 15.95 7.18 -6.85
CA GLN A 108 15.43 6.93 -5.51
C GLN A 108 16.05 5.67 -4.90
N ASN A 109 16.25 4.64 -5.73
CA ASN A 109 16.89 3.42 -5.23
C ASN A 109 18.33 3.67 -4.80
N LEU A 110 19.06 4.47 -5.58
CA LEU A 110 20.43 4.80 -5.20
C LEU A 110 20.46 5.57 -3.89
N GLN A 111 19.43 6.41 -3.66
CA GLN A 111 19.35 7.15 -2.40
C GLN A 111 19.08 6.21 -1.23
N GLU A 112 18.19 5.22 -1.41
CA GLU A 112 17.95 4.25 -0.36
C GLU A 112 19.18 3.41 -0.08
N LEU A 113 19.94 3.07 -1.13
CA LEU A 113 21.18 2.34 -0.94
C LEU A 113 22.20 3.14 -0.15
N GLU A 114 22.41 4.40 -0.54
CA GLU A 114 23.40 5.23 0.13
C GLU A 114 23.02 5.49 1.58
N LYS A 115 21.73 5.44 1.90
CA LYS A 115 21.32 5.57 3.30
C LYS A 115 21.75 4.37 4.13
N TRP A 116 21.76 3.18 3.54
CA TRP A 116 22.20 1.99 4.25
C TRP A 116 23.72 1.92 4.37
N LEU A 117 24.46 2.41 3.38
CA LEU A 117 25.91 2.39 3.48
C LEU A 117 26.41 3.28 4.61
N LYS A 118 25.76 4.42 4.82
CA LYS A 118 26.11 5.30 5.93
C LYS A 118 25.50 4.85 7.25
N ALA A 119 24.71 3.77 7.25
CA ALA A 119 24.05 3.25 8.45
C ALA A 119 23.16 4.31 9.08
N ALA A 120 22.42 5.04 8.25
CA ALA A 120 21.49 6.03 8.74
C ALA A 120 20.35 5.37 9.51
N PRO A 121 19.83 6.03 10.55
CA PRO A 121 18.77 5.40 11.36
C PRO A 121 17.49 5.13 10.59
N ALA A 122 17.19 5.92 9.56
CA ALA A 122 15.97 5.72 8.77
C ALA A 122 16.16 4.70 7.65
N ALA A 123 17.34 4.09 7.55
CA ALA A 123 17.58 3.09 6.51
C ALA A 123 16.80 1.81 6.81
N PHE A 124 16.67 0.98 5.77
CA PHE A 124 15.96 -0.28 5.91
C PHE A 124 16.75 -1.23 6.82
N ASP A 125 16.00 -2.08 7.52
CA ASP A 125 16.58 -3.03 8.48
C ASP A 125 16.81 -4.37 7.78
N TRP A 126 18.07 -4.67 7.45
CA TRP A 126 18.43 -5.92 6.82
C TRP A 126 18.96 -6.96 7.80
N SER A 127 18.90 -6.69 9.11
CA SER A 127 19.52 -7.59 10.07
C SER A 127 18.98 -9.01 10.07
N PRO A 128 17.66 -9.27 9.91
CA PRO A 128 17.22 -10.67 9.83
C PRO A 128 17.73 -11.39 8.59
N VAL A 129 17.93 -10.67 7.48
CA VAL A 129 18.49 -11.31 6.29
C VAL A 129 19.99 -11.53 6.46
N VAL A 130 20.67 -10.59 7.12
CA VAL A 130 22.10 -10.74 7.36
C VAL A 130 22.36 -11.92 8.29
N THR A 131 21.53 -12.08 9.32
CA THR A 131 21.72 -13.19 10.25
C THR A 131 21.55 -14.53 9.55
N TYR A 132 20.60 -14.62 8.61
CA TYR A 132 20.39 -15.85 7.87
C TYR A 132 21.62 -16.21 7.05
N VAL A 133 22.23 -15.20 6.40
CA VAL A 133 23.44 -15.46 5.62
C VAL A 133 24.60 -15.85 6.51
N CYS A 134 24.67 -15.27 7.71
CA CYS A 134 25.71 -15.66 8.66
C CYS A 134 25.57 -17.13 9.05
N ASP A 135 24.33 -17.60 9.21
CA ASP A 135 24.11 -19.00 9.53
C ASP A 135 24.48 -19.91 8.36
N LEU A 136 24.28 -19.43 7.12
CA LEU A 136 24.67 -20.21 5.96
C LEU A 136 26.18 -20.35 5.85
N GLU A 137 26.93 -19.32 6.27
CA GLU A 137 28.37 -19.31 6.15
C GLU A 137 29.07 -19.92 7.36
N GLY A 138 28.35 -20.67 8.20
CA GLY A 138 28.94 -21.36 9.31
C GLY A 138 29.03 -20.59 10.61
N ASN A 139 28.37 -19.42 10.69
CA ASN A 139 28.37 -18.62 11.91
C ASN A 139 29.77 -18.24 12.36
N ARG A 140 30.63 -17.92 11.39
CA ARG A 140 31.97 -17.43 11.72
C ARG A 140 31.90 -16.05 12.36
N VAL A 141 30.98 -15.22 11.89
CA VAL A 141 30.76 -13.88 12.44
C VAL A 141 29.27 -13.69 12.68
N LYS A 142 28.95 -12.57 13.34
CA LYS A 142 27.56 -12.21 13.61
C LYS A 142 27.10 -11.14 12.62
N GLY A 143 25.86 -10.69 12.81
CA GLY A 143 25.23 -9.73 11.94
C GLY A 143 26.00 -8.43 11.74
N PRO A 144 26.23 -7.69 12.84
CA PRO A 144 26.92 -6.39 12.70
C PRO A 144 28.28 -6.49 12.04
N GLU A 145 29.07 -7.52 12.37
CA GLU A 145 30.37 -7.68 11.71
C GLU A 145 30.20 -8.02 10.23
N LYS A 146 29.16 -8.78 9.90
CA LYS A 146 28.90 -9.10 8.50
C LYS A 146 28.49 -7.87 7.70
N GLU A 147 27.63 -7.03 8.28
CA GLU A 147 27.19 -5.83 7.58
C GLU A 147 28.34 -4.85 7.34
N GLU A 148 29.22 -4.70 8.32
CA GLU A 148 30.33 -3.77 8.18
C GLU A 148 31.30 -4.20 7.09
N LYS A 149 31.48 -5.51 6.91
CA LYS A 149 32.37 -5.99 5.85
C LYS A 149 31.78 -5.67 4.48
N LEU A 150 30.46 -5.75 4.33
CA LEU A 150 29.84 -5.42 3.06
C LEU A 150 29.89 -3.92 2.79
N ARG A 151 29.64 -3.09 3.81
CA ARG A 151 29.68 -1.65 3.62
C ARG A 151 31.07 -1.19 3.22
N GLN A 152 32.12 -1.76 3.82
CA GLN A 152 33.47 -1.43 3.42
C GLN A 152 33.82 -1.95 2.03
N ALA A 153 33.14 -3.00 1.57
CA ALA A 153 33.43 -3.55 0.25
C ALA A 153 32.75 -2.78 -0.87
N VAL A 154 31.61 -2.15 -0.59
CA VAL A 154 30.91 -1.35 -1.59
C VAL A 154 31.70 -0.05 -1.74
N LYS A 155 32.34 0.12 -2.89
CA LYS A 155 33.20 1.27 -3.14
C LYS A 155 32.56 2.33 -4.03
N GLN A 156 31.44 2.03 -4.69
CA GLN A 156 30.81 3.02 -5.55
C GLN A 156 29.36 2.65 -5.78
N VAL A 157 28.52 3.68 -5.84
CA VAL A 157 27.09 3.56 -6.12
C VAL A 157 26.78 4.47 -7.30
N LEU A 158 26.49 3.87 -8.46
CA LEU A 158 26.35 4.61 -9.70
C LEU A 158 24.99 4.34 -10.34
N LYS A 159 24.62 5.21 -11.26
CA LYS A 159 23.43 5.02 -12.08
C LYS A 159 23.79 4.21 -13.32
N CYS A 160 22.91 3.30 -13.70
CA CYS A 160 23.15 2.42 -14.83
CA CYS A 160 23.14 2.41 -14.82
C CYS A 160 21.91 2.35 -15.71
N ASP A 161 22.13 1.97 -16.97
CA ASP A 161 21.06 1.75 -17.93
C ASP A 161 21.52 0.61 -18.82
N VAL A 162 20.84 -0.53 -18.72
CA VAL A 162 21.27 -1.72 -19.44
C VAL A 162 21.08 -1.58 -20.94
N THR A 163 20.25 -0.63 -21.38
CA THR A 163 19.96 -0.47 -22.80
C THR A 163 21.00 0.35 -23.55
N GLN A 164 21.97 0.93 -22.84
CA GLN A 164 23.00 1.76 -23.45
C GLN A 164 24.26 0.95 -23.71
N SER A 165 24.97 1.32 -24.77
CA SER A 165 26.21 0.64 -25.11
C SER A 165 27.20 0.68 -23.94
N GLN A 166 27.31 1.83 -23.29
CA GLN A 166 28.07 1.96 -22.05
C GLN A 166 27.06 2.00 -20.90
N PRO A 167 26.81 0.87 -20.22
CA PRO A 167 25.76 0.86 -19.19
C PRO A 167 26.03 1.83 -18.06
N LEU A 168 27.28 2.11 -17.74
CA LEU A 168 27.64 3.02 -16.66
C LEU A 168 27.98 4.41 -17.16
N GLY A 169 27.81 4.68 -18.45
CA GLY A 169 28.08 6.01 -18.97
C GLY A 169 29.56 6.22 -19.16
N ALA A 170 30.06 7.36 -18.68
CA ALA A 170 31.46 7.75 -18.85
C ALA A 170 32.30 7.45 -17.62
N VAL A 171 31.75 6.78 -16.61
CA VAL A 171 32.50 6.47 -15.39
C VAL A 171 33.54 5.42 -15.70
N PRO A 172 34.83 5.67 -15.44
CA PRO A 172 35.86 4.68 -15.75
C PRO A 172 35.96 3.62 -14.66
N LEU A 173 35.78 2.37 -15.05
CA LEU A 173 35.94 1.22 -14.17
C LEU A 173 36.87 0.21 -14.82
N PRO A 174 37.73 -0.44 -14.05
CA PRO A 174 38.55 -1.52 -14.60
C PRO A 174 37.66 -2.69 -15.00
N PRO A 175 38.12 -3.54 -15.92
CA PRO A 175 37.31 -4.69 -16.32
C PRO A 175 37.01 -5.58 -15.11
N ALA A 176 35.73 -5.85 -14.91
CA ALA A 176 35.30 -6.55 -13.71
C ALA A 176 35.47 -8.06 -13.87
N ASP A 177 35.60 -8.74 -12.73
CA ASP A 177 35.69 -10.19 -12.71
C ASP A 177 34.32 -10.86 -12.76
N CYS A 178 33.28 -10.17 -12.33
CA CYS A 178 31.94 -10.75 -12.30
C CYS A 178 30.91 -9.64 -12.43
N VAL A 179 29.82 -9.94 -13.12
CA VAL A 179 28.66 -9.07 -13.20
C VAL A 179 27.47 -9.83 -12.63
N LEU A 180 26.82 -9.24 -11.63
CA LEU A 180 25.68 -9.84 -10.96
C LEU A 180 24.44 -9.00 -11.24
N SER A 181 23.32 -9.68 -11.45
CA SER A 181 22.05 -9.00 -11.72
C SER A 181 20.91 -9.91 -11.28
N THR A 182 20.14 -9.46 -10.30
CA THR A 182 19.02 -10.22 -9.76
C THR A 182 17.73 -9.45 -9.96
N LEU A 183 16.78 -10.06 -10.68
CA LEU A 183 15.42 -9.55 -10.83
C LEU A 183 15.41 -8.18 -11.52
N CYS A 184 16.31 -7.98 -12.47
CA CYS A 184 16.43 -6.71 -13.17
C CYS A 184 16.17 -6.78 -14.67
N LEU A 185 16.72 -7.79 -15.35
CA LEU A 185 16.66 -7.81 -16.81
C LEU A 185 15.23 -7.99 -17.31
N ASP A 186 14.42 -8.79 -16.61
CA ASP A 186 13.03 -8.97 -17.03
C ASP A 186 12.27 -7.66 -16.97
N ALA A 187 12.60 -6.80 -16.00
CA ALA A 187 11.91 -5.53 -15.85
C ALA A 187 12.50 -4.43 -16.73
N ALA A 188 13.75 -4.57 -17.16
CA ALA A 188 14.44 -3.53 -17.91
C ALA A 188 14.40 -3.75 -19.43
N CYS A 189 13.97 -4.91 -19.90
CA CYS A 189 14.02 -5.22 -21.33
C CYS A 189 12.61 -5.44 -21.86
N PRO A 190 12.13 -4.62 -22.82
CA PRO A 190 10.78 -4.82 -23.35
C PRO A 190 10.65 -6.00 -24.28
N ASP A 191 11.73 -6.45 -24.91
CA ASP A 191 11.68 -7.56 -25.84
C ASP A 191 12.98 -8.35 -25.73
N LEU A 192 13.03 -9.48 -26.44
CA LEU A 192 14.19 -10.35 -26.41
C LEU A 192 15.39 -9.75 -27.12
N PRO A 193 15.23 -9.06 -28.27
CA PRO A 193 16.39 -8.38 -28.86
C PRO A 193 17.03 -7.37 -27.92
N THR A 194 16.23 -6.59 -27.19
CA THR A 194 16.79 -5.68 -26.19
C THR A 194 17.43 -6.48 -25.05
N TYR A 195 16.82 -7.62 -24.70
CA TYR A 195 17.42 -8.51 -23.70
C TYR A 195 18.79 -8.98 -24.16
N CYS A 196 18.90 -9.38 -25.42
CA CYS A 196 20.19 -9.84 -25.94
CA CYS A 196 20.19 -9.83 -25.95
C CYS A 196 21.19 -8.68 -26.00
N ARG A 197 20.74 -7.49 -26.41
CA ARG A 197 21.62 -6.33 -26.42
C ARG A 197 22.04 -5.93 -25.01
N ALA A 198 21.12 -6.03 -24.04
CA ALA A 198 21.45 -5.71 -22.66
C ALA A 198 22.55 -6.64 -22.13
N LEU A 199 22.47 -7.93 -22.46
CA LEU A 199 23.52 -8.86 -22.06
C LEU A 199 24.86 -8.49 -22.69
N ARG A 200 24.83 -8.01 -23.94
CA ARG A 200 26.05 -7.58 -24.61
C ARG A 200 26.64 -6.34 -23.94
N ASN A 201 25.79 -5.41 -23.51
CA ASN A 201 26.29 -4.19 -22.87
C ASN A 201 26.99 -4.50 -21.56
N LEU A 202 26.43 -5.43 -20.77
CA LEU A 202 27.08 -5.84 -19.54
C LEU A 202 28.41 -6.53 -19.83
N GLY A 203 28.53 -7.19 -20.99
CA GLY A 203 29.79 -7.83 -21.34
C GLY A 203 30.93 -6.87 -21.55
N SER A 204 30.63 -5.63 -21.92
CA SER A 204 31.68 -4.62 -22.08
C SER A 204 32.33 -4.25 -20.77
N LEU A 205 31.74 -4.61 -19.63
CA LEU A 205 32.31 -4.36 -18.31
C LEU A 205 33.09 -5.55 -17.78
N LEU A 206 33.09 -6.68 -18.49
CA LEU A 206 33.68 -7.92 -18.00
C LEU A 206 35.04 -8.17 -18.64
N LYS A 207 35.92 -8.81 -17.88
CA LYS A 207 37.15 -9.35 -18.42
C LYS A 207 36.81 -10.50 -19.38
N PRO A 208 37.72 -10.80 -20.32
CA PRO A 208 37.56 -12.05 -21.09
C PRO A 208 37.62 -13.24 -20.16
N GLY A 209 36.51 -13.98 -20.09
CA GLY A 209 36.39 -15.07 -19.15
C GLY A 209 35.78 -14.71 -17.82
N GLY A 210 35.32 -13.48 -17.64
CA GLY A 210 34.67 -13.11 -16.40
C GLY A 210 33.31 -13.75 -16.25
N PHE A 211 32.81 -13.75 -15.02
CA PHE A 211 31.58 -14.45 -14.69
C PHE A 211 30.37 -13.54 -14.85
N LEU A 212 29.26 -14.14 -15.29
CA LEU A 212 27.97 -13.48 -15.40
C LEU A 212 26.97 -14.27 -14.56
N VAL A 213 26.49 -13.67 -13.49
CA VAL A 213 25.55 -14.32 -12.57
C VAL A 213 24.23 -13.58 -12.68
N ILE A 214 23.19 -14.29 -13.09
CA ILE A 214 21.87 -13.72 -13.31
C ILE A 214 20.83 -14.57 -12.58
N MET A 215 19.92 -13.90 -11.89
CA MET A 215 18.77 -14.54 -11.26
C MET A 215 17.54 -13.68 -11.52
N ASP A 216 16.48 -14.28 -12.04
CA ASP A 216 15.29 -13.53 -12.40
C ASP A 216 14.10 -14.47 -12.43
N ALA A 217 12.92 -13.90 -12.65
CA ALA A 217 11.68 -14.66 -12.69
C ALA A 217 11.50 -15.33 -14.05
N LEU A 218 10.64 -16.34 -14.09
CA LEU A 218 10.36 -17.10 -15.30
C LEU A 218 8.92 -16.87 -15.71
N LYS A 219 8.71 -16.58 -17.01
CA LYS A 219 7.38 -16.43 -17.59
C LYS A 219 6.53 -15.41 -16.83
N SER A 220 7.18 -14.33 -16.40
CA SER A 220 6.51 -13.27 -15.66
C SER A 220 6.25 -12.10 -16.59
N SER A 221 4.98 -11.69 -16.69
CA SER A 221 4.61 -10.55 -17.51
C SER A 221 4.39 -9.27 -16.71
N TYR A 222 4.35 -9.36 -15.38
CA TYR A 222 4.21 -8.18 -14.54
C TYR A 222 4.62 -8.53 -13.12
N TYR A 223 4.92 -7.49 -12.34
CA TYR A 223 5.09 -7.62 -10.90
C TYR A 223 4.53 -6.38 -10.21
N MET A 224 4.09 -6.55 -8.98
CA MET A 224 3.30 -5.56 -8.26
C MET A 224 4.13 -4.93 -7.15
N ILE A 225 3.96 -3.63 -6.96
CA ILE A 225 4.40 -2.93 -5.76
C ILE A 225 3.16 -2.30 -5.17
N GLY A 226 2.49 -3.03 -4.28
CA GLY A 226 1.20 -2.61 -3.78
C GLY A 226 0.16 -2.57 -4.88
N GLU A 227 -0.27 -1.36 -5.25
CA GLU A 227 -1.24 -1.18 -6.33
C GLU A 227 -0.59 -0.89 -7.67
N GLN A 228 0.69 -0.53 -7.69
CA GLN A 228 1.38 -0.21 -8.92
C GLN A 228 1.85 -1.48 -9.62
N LYS A 229 1.47 -1.63 -10.89
CA LYS A 229 1.87 -2.78 -11.69
C LYS A 229 3.01 -2.35 -12.62
N PHE A 230 4.07 -3.15 -12.65
CA PHE A 230 5.22 -2.91 -13.51
C PHE A 230 5.39 -4.06 -14.49
N SER A 231 5.82 -3.74 -15.70
CA SER A 231 5.93 -4.76 -16.74
C SER A 231 7.12 -5.68 -16.49
N SER A 232 7.06 -6.85 -17.12
CA SER A 232 8.11 -7.85 -17.04
C SER A 232 8.11 -8.66 -18.32
N LEU A 233 9.29 -9.04 -18.78
CA LEU A 233 9.41 -9.84 -20.00
C LEU A 233 9.17 -11.31 -19.65
N PRO A 234 8.12 -11.94 -20.20
CA PRO A 234 7.83 -13.35 -19.87
C PRO A 234 8.74 -14.33 -20.59
N LEU A 235 9.96 -14.47 -20.07
CA LEU A 235 10.97 -15.33 -20.68
C LEU A 235 10.89 -16.74 -20.09
N GLY A 236 10.99 -17.73 -20.97
CA GLY A 236 11.19 -19.10 -20.53
C GLY A 236 12.66 -19.47 -20.47
N ARG A 237 12.95 -20.56 -19.75
CA ARG A 237 14.32 -21.04 -19.64
C ARG A 237 14.97 -21.20 -21.00
N GLU A 238 14.23 -21.75 -21.96
CA GLU A 238 14.77 -21.96 -23.30
C GLU A 238 15.14 -20.64 -23.96
N ALA A 239 14.31 -19.61 -23.79
CA ALA A 239 14.61 -18.30 -24.36
C ALA A 239 15.79 -17.65 -23.65
N VAL A 240 15.92 -17.85 -22.34
CA VAL A 240 17.02 -17.26 -21.59
C VAL A 240 18.35 -17.87 -22.02
N GLU A 241 18.40 -19.20 -22.13
CA GLU A 241 19.65 -19.86 -22.51
C GLU A 241 20.09 -19.44 -23.91
N ALA A 242 19.13 -19.32 -24.84
CA ALA A 242 19.48 -18.90 -26.18
C ALA A 242 19.99 -17.46 -26.21
N ALA A 243 19.37 -16.58 -25.42
CA ALA A 243 19.80 -15.18 -25.40
C ALA A 243 21.17 -15.03 -24.77
N VAL A 244 21.45 -15.79 -23.71
CA VAL A 244 22.75 -15.69 -23.04
C VAL A 244 23.86 -16.19 -23.96
N LYS A 245 23.63 -17.33 -24.63
CA LYS A 245 24.64 -17.86 -25.53
C LYS A 245 24.82 -16.96 -26.74
N GLU A 246 23.72 -16.40 -27.26
CA GLU A 246 23.81 -15.51 -28.42
C GLU A 246 24.58 -14.24 -28.09
N ALA A 247 24.51 -13.77 -26.84
CA ALA A 247 25.23 -12.57 -26.44
C ALA A 247 26.71 -12.79 -26.23
N GLY A 248 27.21 -14.01 -26.41
CA GLY A 248 28.61 -14.30 -26.29
C GLY A 248 29.06 -14.88 -24.98
N TYR A 249 28.22 -15.67 -24.31
CA TYR A 249 28.57 -16.31 -23.05
C TYR A 249 28.46 -17.82 -23.18
N THR A 250 29.15 -18.53 -22.29
CA THR A 250 29.00 -19.97 -22.13
C THR A 250 28.44 -20.24 -20.74
N ILE A 251 27.36 -21.02 -20.68
CA ILE A 251 26.68 -21.27 -19.42
C ILE A 251 27.36 -22.43 -18.70
N GLU A 252 27.85 -22.17 -17.49
CA GLU A 252 28.45 -23.23 -16.69
C GLU A 252 27.38 -24.07 -16.01
N TRP A 253 26.35 -23.44 -15.46
CA TRP A 253 25.20 -24.19 -14.95
C TRP A 253 23.97 -23.30 -14.96
N PHE A 254 22.81 -23.95 -15.04
CA PHE A 254 21.53 -23.28 -15.17
C PHE A 254 20.51 -24.03 -14.32
N GLU A 255 19.90 -23.33 -13.38
CA GLU A 255 18.92 -23.92 -12.47
C GLU A 255 17.60 -23.17 -12.57
N VAL A 256 16.50 -23.93 -12.52
CA VAL A 256 15.15 -23.38 -12.49
C VAL A 256 14.44 -23.94 -11.27
N ILE A 257 13.62 -23.12 -10.62
CA ILE A 257 12.83 -23.55 -9.48
C ILE A 257 11.37 -23.27 -9.76
N SER A 258 10.50 -24.05 -9.12
CA SER A 258 9.07 -23.90 -9.29
C SER A 258 8.45 -22.90 -8.33
N GLN A 259 9.15 -22.55 -7.25
CA GLN A 259 8.63 -21.59 -6.28
C GLN A 259 8.38 -20.24 -6.96
N SER A 260 7.18 -19.71 -6.78
CA SER A 260 6.78 -18.46 -7.40
C SER A 260 6.35 -17.46 -6.35
N TYR A 261 6.29 -16.19 -6.75
CA TYR A 261 5.72 -15.17 -5.89
C TYR A 261 4.21 -15.36 -5.79
N SER A 262 3.62 -14.71 -4.80
CA SER A 262 2.17 -14.66 -4.75
C SER A 262 1.66 -13.89 -5.96
N SER A 263 0.54 -14.36 -6.54
CA SER A 263 0.01 -13.71 -7.73
C SER A 263 -0.37 -12.26 -7.47
N THR A 264 -0.73 -11.94 -6.23
CA THR A 264 -1.01 -10.56 -5.86
C THR A 264 0.23 -9.68 -5.89
N MET A 265 1.40 -10.25 -6.19
CA MET A 265 2.65 -9.51 -6.22
C MET A 265 3.37 -9.73 -7.56
N ALA A 266 3.20 -10.91 -8.14
CA ALA A 266 3.79 -11.22 -9.44
C ALA A 266 3.13 -12.48 -9.98
N ASN A 267 3.10 -12.61 -11.31
CA ASN A 267 2.51 -13.75 -12.00
C ASN A 267 3.55 -14.70 -12.55
N ASN A 268 4.73 -14.74 -11.93
CA ASN A 268 5.80 -15.59 -12.43
C ASN A 268 5.46 -17.06 -12.24
N GLU A 269 6.14 -17.91 -13.02
CA GLU A 269 6.01 -19.35 -12.92
C GLU A 269 7.32 -19.97 -12.45
N GLY A 270 7.96 -19.32 -11.47
CA GLY A 270 9.22 -19.76 -10.93
C GLY A 270 10.32 -18.75 -11.24
N LEU A 271 11.53 -19.14 -10.86
CA LEU A 271 12.72 -18.32 -11.07
C LEU A 271 13.83 -19.19 -11.63
N PHE A 272 14.87 -18.54 -12.16
CA PHE A 272 16.04 -19.23 -12.67
C PHE A 272 17.30 -18.61 -12.09
N SER A 273 18.36 -19.42 -12.06
CA SER A 273 19.68 -18.98 -11.66
C SER A 273 20.69 -19.58 -12.64
N LEU A 274 21.66 -18.77 -13.06
CA LEU A 274 22.67 -19.25 -13.98
C LEU A 274 24.00 -18.57 -13.68
N VAL A 275 25.08 -19.28 -13.97
CA VAL A 275 26.43 -18.73 -13.97
C VAL A 275 27.01 -18.95 -15.35
N ALA A 276 27.47 -17.88 -15.98
CA ALA A 276 28.03 -17.94 -17.32
C ALA A 276 29.39 -17.24 -17.33
N ARG A 277 30.17 -17.53 -18.36
CA ARG A 277 31.47 -16.92 -18.54
C ARG A 277 31.56 -16.31 -19.94
N LYS A 278 32.22 -15.16 -20.03
CA LYS A 278 32.29 -14.44 -21.29
C LYS A 278 33.23 -15.16 -22.25
N LEU A 279 32.78 -15.33 -23.49
CA LEU A 279 33.55 -16.02 -24.52
C LEU A 279 34.59 -15.09 -25.14
N PHE B 24 7.13 -17.61 23.14
CA PHE B 24 7.34 -17.03 24.46
C PHE B 24 7.85 -18.10 25.43
N THR B 25 8.72 -17.67 26.36
CA THR B 25 9.32 -18.59 27.32
C THR B 25 8.25 -19.27 28.17
N SER B 26 8.31 -20.60 28.22
CA SER B 26 7.36 -21.39 28.97
C SER B 26 7.71 -21.40 30.46
N LYS B 27 6.73 -21.80 31.27
CA LYS B 27 6.95 -21.91 32.71
C LYS B 27 7.97 -22.99 33.04
N ASP B 28 8.01 -24.07 32.26
CA ASP B 28 8.98 -25.14 32.51
C ASP B 28 10.41 -24.65 32.34
N THR B 29 10.64 -23.66 31.47
CA THR B 29 11.98 -23.12 31.28
C THR B 29 12.49 -22.46 32.55
N TYR B 30 11.60 -21.81 33.31
CA TYR B 30 12.01 -21.17 34.55
C TYR B 30 12.41 -22.20 35.62
N LEU B 31 11.82 -23.39 35.58
CA LEU B 31 12.17 -24.42 36.56
C LEU B 31 13.54 -25.02 36.31
N SER B 32 14.07 -24.91 35.09
CA SER B 32 15.33 -25.55 34.73
C SER B 32 16.43 -24.58 34.32
N HIS B 33 16.08 -23.43 33.75
CA HIS B 33 17.08 -22.54 33.18
C HIS B 33 17.17 -21.18 33.87
N PHE B 34 16.45 -20.97 34.96
CA PHE B 34 16.52 -19.73 35.72
C PHE B 34 17.38 -19.98 36.97
N ASN B 35 18.62 -19.52 36.92
CA ASN B 35 19.54 -19.70 38.05
C ASN B 35 19.40 -18.50 38.98
N PRO B 36 18.94 -18.68 40.22
CA PRO B 36 18.73 -17.51 41.10
C PRO B 36 20.02 -16.77 41.44
N ARG B 37 21.12 -17.50 41.70
CA ARG B 37 22.35 -16.83 42.11
C ARG B 37 22.96 -16.04 40.95
N ASP B 38 22.91 -16.58 39.73
CA ASP B 38 23.39 -15.84 38.58
C ASP B 38 22.56 -14.58 38.34
N TYR B 39 21.26 -14.65 38.62
CA TYR B 39 20.41 -13.47 38.48
C TYR B 39 20.75 -12.39 39.49
N LEU B 40 20.96 -12.78 40.75
CA LEU B 40 21.28 -11.80 41.78
C LEU B 40 22.64 -11.14 41.54
N GLU B 41 23.60 -11.90 41.02
CA GLU B 41 24.93 -11.34 40.76
C GLU B 41 24.91 -10.34 39.62
N LYS B 42 23.98 -10.50 38.67
CA LYS B 42 23.94 -9.63 37.50
C LYS B 42 23.12 -8.37 37.71
N TYR B 43 22.11 -8.41 38.59
CA TYR B 43 21.17 -7.31 38.71
C TYR B 43 21.21 -6.60 40.06
N TYR B 44 21.59 -7.28 41.13
CA TYR B 44 21.49 -6.70 42.47
C TYR B 44 22.81 -6.79 43.22
N LYS B 45 23.93 -6.57 42.52
CA LYS B 45 25.21 -6.54 43.23
C LYS B 45 25.41 -5.22 43.98
N PHE B 46 24.96 -4.12 43.38
CA PHE B 46 24.97 -2.80 44.02
C PHE B 46 26.36 -2.44 44.53
N GLY B 47 27.34 -2.55 43.64
CA GLY B 47 28.73 -2.30 43.97
C GLY B 47 29.14 -0.85 43.79
N SER B 48 30.43 -0.60 43.97
CA SER B 48 30.96 0.76 43.88
C SER B 48 30.74 1.35 42.49
N ARG B 49 30.81 0.52 41.46
CA ARG B 49 30.63 1.00 40.10
C ARG B 49 29.20 1.44 39.87
N HIS B 50 29.03 2.53 39.13
CA HIS B 50 27.71 3.01 38.72
C HIS B 50 27.31 2.29 37.43
N SER B 51 26.09 1.76 37.40
CA SER B 51 25.63 0.94 36.30
C SER B 51 24.14 1.13 36.14
N ALA B 52 23.66 0.85 34.91
CA ALA B 52 22.23 1.02 34.63
C ALA B 52 21.37 0.17 35.55
N GLU B 53 21.88 -0.98 35.98
CA GLU B 53 21.10 -1.86 36.85
C GLU B 53 21.04 -1.32 38.27
N SER B 54 22.15 -0.76 38.77
CA SER B 54 22.14 -0.16 40.10
C SER B 54 21.31 1.12 40.12
N GLN B 55 21.32 1.88 39.03
CA GLN B 55 20.48 3.07 38.95
C GLN B 55 19.00 2.70 38.96
N ILE B 56 18.66 1.59 38.29
CA ILE B 56 17.28 1.12 38.30
C ILE B 56 16.88 0.65 39.69
N LEU B 57 17.79 -0.03 40.39
CA LEU B 57 17.50 -0.52 41.74
C LEU B 57 17.20 0.65 42.69
N LYS B 58 17.96 1.73 42.60
CA LYS B 58 17.74 2.86 43.49
C LYS B 58 16.38 3.50 43.25
N HIS B 59 15.94 3.56 42.00
CA HIS B 59 14.62 4.15 41.73
C HIS B 59 13.51 3.24 42.26
N LEU B 60 13.68 1.92 42.15
CA LEU B 60 12.70 1.01 42.73
C LEU B 60 12.62 1.17 44.24
N LEU B 61 13.78 1.29 44.90
CA LEU B 61 13.78 1.45 46.35
C LEU B 61 13.16 2.78 46.76
N LYS B 62 13.39 3.84 45.99
CA LYS B 62 12.82 5.14 46.33
C LYS B 62 11.31 5.16 46.15
N ASN B 63 10.82 4.52 45.09
CA ASN B 63 9.37 4.44 44.89
C ASN B 63 8.71 3.59 45.96
N LEU B 64 9.29 2.42 46.26
CA LEU B 64 8.75 1.58 47.32
C LEU B 64 8.79 2.30 48.67
N PHE B 65 9.85 3.09 48.90
CA PHE B 65 9.93 3.88 50.13
C PHE B 65 8.79 4.90 50.19
N LYS B 66 8.55 5.63 49.08
CA LYS B 66 7.50 6.63 49.07
C LYS B 66 6.12 6.01 49.21
N ILE B 67 5.91 4.84 48.64
CA ILE B 67 4.59 4.20 48.67
C ILE B 67 4.23 3.76 50.08
N PHE B 68 5.13 3.03 50.73
CA PHE B 68 4.81 2.42 52.01
C PHE B 68 5.14 3.30 53.21
N CYS B 69 6.12 4.20 53.08
CA CYS B 69 6.54 5.05 54.20
C CYS B 69 5.98 6.46 54.09
N LEU B 70 6.08 7.09 52.92
CA LEU B 70 5.61 8.45 52.76
C LEU B 70 4.10 8.50 52.55
N ASP B 71 3.56 7.59 51.73
CA ASP B 71 2.13 7.49 51.50
C ASP B 71 1.49 6.63 52.60
N GLY B 72 0.18 6.43 52.50
CA GLY B 72 -0.53 5.63 53.48
C GLY B 72 -0.88 4.24 53.02
N VAL B 73 0.04 3.58 52.32
CA VAL B 73 -0.15 2.19 51.89
C VAL B 73 0.36 1.32 53.03
N LYS B 74 -0.55 0.98 53.95
CA LYS B 74 -0.25 0.13 55.09
C LYS B 74 -1.37 -0.87 55.28
N GLY B 75 -1.16 -1.83 56.18
CA GLY B 75 -2.17 -2.82 56.45
C GLY B 75 -1.61 -3.96 57.28
N ASP B 76 -2.40 -5.03 57.35
CA ASP B 76 -2.02 -6.22 58.11
C ASP B 76 -1.28 -7.25 57.26
N LEU B 77 -1.79 -7.55 56.06
CA LEU B 77 -1.22 -8.60 55.22
C LEU B 77 -0.84 -8.02 53.87
N LEU B 78 0.41 -8.25 53.46
CA LEU B 78 0.90 -7.94 52.13
C LEU B 78 1.37 -9.23 51.49
N ILE B 79 0.96 -9.47 50.25
CA ILE B 79 1.36 -10.65 49.49
C ILE B 79 2.26 -10.18 48.35
N ASP B 80 3.47 -10.74 48.29
CA ASP B 80 4.43 -10.42 47.25
C ASP B 80 4.38 -11.50 46.18
N ILE B 81 4.11 -11.09 44.93
CA ILE B 81 3.88 -12.00 43.81
C ILE B 81 5.10 -11.97 42.90
N GLY B 82 5.64 -13.14 42.60
CA GLY B 82 6.78 -13.24 41.70
C GLY B 82 8.04 -12.60 42.23
N SER B 83 8.34 -12.81 43.52
CA SER B 83 9.47 -12.14 44.13
C SER B 83 10.80 -12.65 43.60
N GLY B 84 10.84 -13.90 43.14
CA GLY B 84 12.09 -14.51 42.76
C GLY B 84 12.98 -14.69 43.97
N PRO B 85 14.30 -14.56 43.78
CA PRO B 85 15.23 -14.65 44.91
C PRO B 85 15.52 -13.33 45.60
N THR B 86 14.73 -12.29 45.37
CA THR B 86 15.03 -10.95 45.84
C THR B 86 14.18 -10.58 47.04
N ILE B 87 14.74 -9.71 47.89
CA ILE B 87 14.03 -9.18 49.06
C ILE B 87 14.06 -7.66 49.12
N TYR B 88 14.64 -6.99 48.11
CA TYR B 88 14.72 -5.54 48.14
C TYR B 88 13.33 -4.91 48.14
N GLN B 89 12.37 -5.53 47.46
CA GLN B 89 11.03 -4.97 47.36
C GLN B 89 10.23 -5.07 48.65
N LEU B 90 10.79 -5.66 49.70
CA LEU B 90 10.11 -5.83 50.97
C LEU B 90 10.76 -5.07 52.10
N LEU B 91 11.85 -4.35 51.85
CA LEU B 91 12.59 -3.70 52.93
C LEU B 91 11.78 -2.57 53.55
N SER B 92 11.20 -1.69 52.72
CA SER B 92 10.33 -0.65 53.25
C SER B 92 8.96 -1.18 53.62
N ALA B 93 8.49 -2.23 52.94
CA ALA B 93 7.13 -2.72 53.16
C ALA B 93 6.98 -3.38 54.52
N CYS B 94 8.06 -3.96 55.07
CA CYS B 94 7.95 -4.61 56.37
C CYS B 94 7.78 -3.60 57.50
N GLU B 95 8.02 -2.32 57.25
CA GLU B 95 7.73 -1.28 58.23
C GLU B 95 6.27 -0.85 58.22
N SER B 96 5.55 -1.13 57.13
CA SER B 96 4.16 -0.71 57.01
C SER B 96 3.17 -1.86 57.14
N PHE B 97 3.63 -3.11 57.02
CA PHE B 97 2.76 -4.27 57.12
C PHE B 97 3.28 -5.21 58.19
N LYS B 98 2.35 -5.89 58.87
CA LYS B 98 2.71 -6.79 59.95
C LYS B 98 2.92 -8.22 59.48
N GLU B 99 2.23 -8.64 58.42
CA GLU B 99 2.38 -9.98 57.87
C GLU B 99 2.71 -9.88 56.39
N ILE B 100 3.71 -10.65 55.95
CA ILE B 100 4.14 -10.65 54.55
C ILE B 100 4.18 -12.10 54.07
N VAL B 101 3.58 -12.34 52.91
CA VAL B 101 3.61 -13.65 52.26
C VAL B 101 4.35 -13.48 50.94
N VAL B 102 5.41 -14.27 50.75
CA VAL B 102 6.27 -14.17 49.58
C VAL B 102 5.99 -15.36 48.67
N THR B 103 5.85 -15.10 47.37
CA THR B 103 5.45 -16.13 46.42
C THR B 103 6.25 -16.00 45.13
N ASP B 104 6.44 -17.15 44.47
CA ASP B 104 7.09 -17.20 43.16
C ASP B 104 6.77 -18.56 42.55
N TYR B 105 6.92 -18.64 41.22
CA TYR B 105 6.64 -19.90 40.54
C TYR B 105 7.83 -20.85 40.62
N SER B 106 9.06 -20.33 40.56
CA SER B 106 10.24 -21.18 40.57
C SER B 106 10.55 -21.64 41.98
N ASP B 107 10.61 -22.96 42.20
CA ASP B 107 10.97 -23.48 43.51
C ASP B 107 12.43 -23.19 43.84
N GLN B 108 13.30 -23.13 42.83
CA GLN B 108 14.70 -22.79 43.08
C GLN B 108 14.85 -21.36 43.57
N ASN B 109 13.97 -20.46 43.13
CA ASN B 109 14.04 -19.08 43.60
C ASN B 109 13.59 -18.96 45.05
N LEU B 110 12.54 -19.68 45.43
CA LEU B 110 12.08 -19.66 46.82
C LEU B 110 13.13 -20.22 47.76
N GLN B 111 13.88 -21.23 47.32
CA GLN B 111 14.93 -21.79 48.16
C GLN B 111 16.07 -20.79 48.35
N GLU B 112 16.46 -20.11 47.27
CA GLU B 112 17.47 -19.06 47.38
C GLU B 112 16.98 -17.92 48.27
N LEU B 113 15.66 -17.66 48.23
CA LEU B 113 15.08 -16.64 49.10
CA LEU B 113 15.10 -16.63 49.09
C LEU B 113 15.14 -17.06 50.56
N GLU B 114 14.76 -18.31 50.84
CA GLU B 114 14.74 -18.81 52.21
C GLU B 114 16.13 -18.86 52.84
N LYS B 115 17.19 -18.92 52.03
CA LYS B 115 18.53 -18.89 52.59
C LYS B 115 18.82 -17.56 53.26
N TRP B 116 18.31 -16.45 52.72
CA TRP B 116 18.52 -15.17 53.37
C TRP B 116 17.60 -15.00 54.57
N LEU B 117 16.37 -15.51 54.49
CA LEU B 117 15.46 -15.42 55.62
C LEU B 117 15.94 -16.27 56.79
N LYS B 118 16.48 -17.45 56.50
CA LYS B 118 17.04 -18.31 57.53
C LYS B 118 18.47 -17.93 57.92
N ALA B 119 19.03 -16.89 57.30
CA ALA B 119 20.39 -16.42 57.57
C ALA B 119 21.41 -17.53 57.32
N ALA B 120 21.21 -18.28 56.25
CA ALA B 120 22.17 -19.31 55.86
C ALA B 120 23.47 -18.66 55.41
N PRO B 121 24.61 -19.32 55.64
CA PRO B 121 25.90 -18.70 55.26
C PRO B 121 26.04 -18.48 53.76
N ALA B 122 25.39 -19.29 52.94
CA ALA B 122 25.46 -19.17 51.49
C ALA B 122 24.47 -18.15 50.91
N ALA B 123 23.74 -17.44 51.77
CA ALA B 123 22.74 -16.49 51.28
C ALA B 123 23.40 -15.29 50.60
N PHE B 124 22.61 -14.59 49.79
CA PHE B 124 23.08 -13.43 49.06
C PHE B 124 23.33 -12.27 50.02
N ASP B 125 24.27 -11.41 49.65
CA ASP B 125 24.65 -10.26 50.48
C ASP B 125 23.81 -9.07 50.06
N TRP B 126 22.80 -8.75 50.86
CA TRP B 126 21.94 -7.60 50.61
C TRP B 126 22.32 -6.37 51.43
N SER B 127 23.46 -6.41 52.12
CA SER B 127 23.81 -5.31 53.01
C SER B 127 23.95 -3.97 52.32
N PRO B 128 24.49 -3.85 51.09
CA PRO B 128 24.48 -2.53 50.45
C PRO B 128 23.09 -2.05 50.10
N VAL B 129 22.15 -2.96 49.81
CA VAL B 129 20.77 -2.56 49.56
C VAL B 129 20.06 -2.24 50.86
N VAL B 130 20.35 -2.99 51.93
CA VAL B 130 19.73 -2.72 53.22
C VAL B 130 20.18 -1.36 53.75
N THR B 131 21.47 -1.03 53.60
CA THR B 131 21.98 0.26 54.07
C THR B 131 21.34 1.41 53.31
N TYR B 132 21.11 1.25 52.00
CA TYR B 132 20.50 2.31 51.21
C TYR B 132 19.08 2.60 51.68
N VAL B 133 18.30 1.56 51.97
CA VAL B 133 16.94 1.76 52.44
C VAL B 133 16.93 2.37 53.83
N CYS B 134 17.89 1.99 54.67
CA CYS B 134 17.99 2.59 56.00
C CYS B 134 18.28 4.08 55.91
N ASP B 135 19.12 4.50 54.96
CA ASP B 135 19.41 5.91 54.79
C ASP B 135 18.20 6.68 54.26
N LEU B 136 17.36 6.03 53.43
CA LEU B 136 16.16 6.68 52.95
C LEU B 136 15.16 6.92 54.07
N GLU B 137 15.10 6.02 55.05
CA GLU B 137 14.13 6.10 56.14
C GLU B 137 14.64 6.90 57.33
N GLY B 138 15.71 7.67 57.15
CA GLY B 138 16.21 8.55 58.19
C GLY B 138 17.22 7.93 59.13
N ASN B 139 17.73 6.74 58.84
CA ASN B 139 18.73 6.07 59.67
C ASN B 139 18.25 5.87 61.10
N ARG B 140 16.93 5.71 61.29
CA ARG B 140 16.41 5.44 62.63
C ARG B 140 16.91 4.11 63.17
N VAL B 141 17.13 3.13 62.29
CA VAL B 141 17.66 1.83 62.68
C VAL B 141 18.89 1.53 61.83
N LYS B 142 19.59 0.47 62.20
CA LYS B 142 20.76 0.03 61.47
C LYS B 142 20.43 -1.19 60.61
N GLY B 143 21.44 -1.71 59.93
CA GLY B 143 21.30 -2.83 59.03
C GLY B 143 20.68 -4.07 59.67
N PRO B 144 21.33 -4.62 60.70
CA PRO B 144 20.80 -5.85 61.32
C PRO B 144 19.37 -5.71 61.83
N GLU B 145 19.02 -4.57 62.42
CA GLU B 145 17.65 -4.39 62.90
C GLU B 145 16.67 -4.34 61.74
N LYS B 146 17.07 -3.76 60.61
CA LYS B 146 16.20 -3.75 59.44
C LYS B 146 15.99 -5.15 58.88
N GLU B 147 17.06 -5.94 58.78
CA GLU B 147 16.94 -7.29 58.25
C GLU B 147 16.10 -8.18 59.16
N GLU B 148 16.28 -8.05 60.48
CA GLU B 148 15.53 -8.89 61.41
C GLU B 148 14.04 -8.59 61.39
N LYS B 149 13.66 -7.33 61.19
CA LYS B 149 12.24 -6.98 61.13
C LYS B 149 11.58 -7.58 59.90
N LEU B 150 12.30 -7.65 58.78
CA LEU B 150 11.76 -8.29 57.58
C LEU B 150 11.62 -9.80 57.77
N ARG B 151 12.62 -10.42 58.40
CA ARG B 151 12.54 -11.86 58.66
C ARG B 151 11.36 -12.21 59.56
N GLN B 152 11.09 -11.35 60.55
CA GLN B 152 9.98 -11.59 61.45
C GLN B 152 8.64 -11.33 60.77
N ALA B 153 8.63 -10.49 59.74
CA ALA B 153 7.37 -10.14 59.07
C ALA B 153 6.95 -11.18 58.04
N VAL B 154 7.90 -11.90 57.46
CA VAL B 154 7.58 -12.97 56.50
C VAL B 154 7.12 -14.19 57.28
N LYS B 155 5.83 -14.54 57.14
CA LYS B 155 5.24 -15.69 57.81
C LYS B 155 5.04 -16.90 56.91
N GLN B 156 5.16 -16.76 55.59
CA GLN B 156 4.94 -17.91 54.73
C GLN B 156 5.58 -17.67 53.39
N VAL B 157 6.12 -18.74 52.80
CA VAL B 157 6.74 -18.72 51.48
C VAL B 157 6.01 -19.77 50.65
N LEU B 158 5.23 -19.33 49.66
CA LEU B 158 4.36 -20.22 48.91
C LEU B 158 4.69 -20.15 47.43
N LYS B 159 4.26 -21.18 46.71
CA LYS B 159 4.37 -21.18 45.26
C LYS B 159 3.11 -20.59 44.65
N CYS B 160 3.30 -19.76 43.61
CA CYS B 160 2.19 -19.05 42.97
C CYS B 160 2.28 -19.19 41.46
N ASP B 161 1.15 -18.97 40.80
CA ASP B 161 1.08 -18.90 39.35
C ASP B 161 0.07 -17.82 39.00
N VAL B 162 0.54 -16.73 38.41
CA VAL B 162 -0.32 -15.58 38.14
C VAL B 162 -1.37 -15.90 37.09
N THR B 163 -1.15 -16.94 36.28
CA THR B 163 -2.08 -17.25 35.20
C THR B 163 -3.26 -18.11 35.65
N GLN B 164 -3.27 -18.58 36.89
CA GLN B 164 -4.33 -19.45 37.37
C GLN B 164 -5.37 -18.64 38.15
N SER B 165 -6.62 -19.10 38.09
CA SER B 165 -7.71 -18.41 38.78
C SER B 165 -7.42 -18.28 40.28
N GLN B 166 -6.91 -19.35 40.89
CA GLN B 166 -6.41 -19.29 42.26
C GLN B 166 -4.90 -19.25 42.19
N PRO B 167 -4.26 -18.08 42.25
CA PRO B 167 -2.80 -18.03 42.07
C PRO B 167 -2.02 -18.80 43.11
N LEU B 168 -2.55 -18.94 44.33
CA LEU B 168 -1.86 -19.67 45.39
C LEU B 168 -2.37 -21.09 45.55
N GLY B 169 -3.26 -21.55 44.67
CA GLY B 169 -3.75 -22.91 44.76
C GLY B 169 -4.80 -23.05 45.83
N ALA B 170 -4.66 -24.07 46.67
CA ALA B 170 -5.63 -24.39 47.70
C ALA B 170 -5.22 -23.86 49.07
N VAL B 171 -4.14 -23.08 49.15
CA VAL B 171 -3.66 -22.55 50.42
C VAL B 171 -4.63 -21.48 50.92
N PRO B 172 -5.17 -21.63 52.14
CA PRO B 172 -6.12 -20.64 52.66
C PRO B 172 -5.40 -19.43 53.24
N LEU B 173 -5.67 -18.25 52.68
CA LEU B 173 -5.14 -17.01 53.21
C LEU B 173 -6.27 -16.01 53.38
N PRO B 174 -6.25 -15.21 54.44
CA PRO B 174 -7.23 -14.13 54.59
C PRO B 174 -7.05 -13.10 53.50
N PRO B 175 -8.10 -12.34 53.17
CA PRO B 175 -7.96 -11.31 52.14
C PRO B 175 -6.91 -10.28 52.51
N ALA B 176 -5.95 -10.07 51.61
CA ALA B 176 -4.81 -9.22 51.89
C ALA B 176 -5.16 -7.75 51.68
N ASP B 177 -4.41 -6.88 52.35
CA ASP B 177 -4.60 -5.44 52.19
C ASP B 177 -3.86 -4.90 50.98
N CYS B 178 -2.80 -5.57 50.54
CA CYS B 178 -2.00 -5.09 49.43
C CYS B 178 -1.34 -6.27 48.74
N VAL B 179 -1.23 -6.17 47.41
CA VAL B 179 -0.49 -7.12 46.60
C VAL B 179 0.63 -6.37 45.89
N LEU B 180 1.86 -6.85 46.05
CA LEU B 180 3.04 -6.25 45.45
C LEU B 180 3.61 -7.20 44.40
N SER B 181 4.05 -6.64 43.28
CA SER B 181 4.65 -7.43 42.21
C SER B 181 5.62 -6.56 41.44
N THR B 182 6.90 -6.93 41.46
CA THR B 182 7.95 -6.19 40.79
C THR B 182 8.63 -7.07 39.75
N LEU B 183 8.59 -6.64 38.49
CA LEU B 183 9.35 -7.28 37.41
C LEU B 183 8.93 -8.73 37.20
N CYS B 184 7.64 -9.01 37.37
CA CYS B 184 7.14 -10.37 37.24
C CYS B 184 6.10 -10.53 36.13
N LEU B 185 5.16 -9.59 36.01
CA LEU B 185 4.03 -9.79 35.10
C LEU B 185 4.47 -9.79 33.65
N ASP B 186 5.46 -8.94 33.30
CA ASP B 186 5.94 -8.90 31.92
C ASP B 186 6.57 -10.23 31.51
N ALA B 187 7.24 -10.91 32.45
CA ALA B 187 7.90 -12.16 32.15
C ALA B 187 6.97 -13.36 32.20
N ALA B 188 5.83 -13.25 32.89
CA ALA B 188 4.93 -14.37 33.07
C ALA B 188 3.78 -14.39 32.07
N CYS B 189 3.58 -13.32 31.31
CA CYS B 189 2.44 -13.19 30.41
C CYS B 189 2.89 -13.11 28.96
N PRO B 190 2.50 -14.05 28.11
CA PRO B 190 2.93 -13.99 26.70
C PRO B 190 2.22 -12.94 25.89
N ASP B 191 1.02 -12.51 26.29
CA ASP B 191 0.26 -11.54 25.53
C ASP B 191 -0.51 -10.65 26.49
N LEU B 192 -1.18 -9.64 25.94
CA LEU B 192 -1.93 -8.66 26.72
C LEU B 192 -3.18 -9.26 27.35
N PRO B 193 -3.94 -10.12 26.68
CA PRO B 193 -5.06 -10.79 27.38
C PRO B 193 -4.61 -11.59 28.58
N THR B 194 -3.50 -12.32 28.47
CA THR B 194 -2.97 -13.04 29.64
C THR B 194 -2.53 -12.07 30.71
N TYR B 195 -1.98 -10.92 30.31
CA TYR B 195 -1.63 -9.88 31.28
C TYR B 195 -2.87 -9.41 32.04
N CYS B 196 -3.97 -9.19 31.34
CA CYS B 196 -5.19 -8.75 31.99
C CYS B 196 -5.76 -9.82 32.92
N ARG B 197 -5.71 -11.08 32.50
CA ARG B 197 -6.23 -12.16 33.32
C ARG B 197 -5.41 -12.33 34.60
N ALA B 198 -4.09 -12.17 34.49
CA ALA B 198 -3.23 -12.27 35.68
C ALA B 198 -3.58 -11.18 36.69
N LEU B 199 -3.84 -9.96 36.22
CA LEU B 199 -4.25 -8.89 37.12
C LEU B 199 -5.56 -9.22 37.81
N ARG B 200 -6.48 -9.84 37.07
CA ARG B 200 -7.75 -10.25 37.65
C ARG B 200 -7.55 -11.32 38.72
N ASN B 201 -6.63 -12.27 38.46
CA ASN B 201 -6.37 -13.34 39.41
C ASN B 201 -5.77 -12.81 40.71
N LEU B 202 -4.86 -11.83 40.61
CA LEU B 202 -4.30 -11.23 41.81
C LEU B 202 -5.36 -10.51 42.62
N GLY B 203 -6.41 -9.99 41.97
CA GLY B 203 -7.47 -9.33 42.69
C GLY B 203 -8.24 -10.27 43.61
N SER B 204 -8.25 -11.56 43.29
CA SER B 204 -8.90 -12.53 44.15
C SER B 204 -8.21 -12.67 45.49
N LEU B 205 -6.99 -12.16 45.63
CA LEU B 205 -6.27 -12.16 46.89
C LEU B 205 -6.44 -10.88 47.68
N LEU B 206 -7.11 -9.87 47.11
CA LEU B 206 -7.21 -8.56 47.72
C LEU B 206 -8.59 -8.34 48.34
N LYS B 207 -8.62 -7.55 49.41
CA LYS B 207 -9.87 -7.04 49.93
C LYS B 207 -10.50 -6.10 48.92
N PRO B 208 -11.82 -5.92 48.99
CA PRO B 208 -12.44 -4.82 48.22
C PRO B 208 -11.89 -3.48 48.68
N GLY B 209 -11.20 -2.79 47.77
CA GLY B 209 -10.52 -1.56 48.10
C GLY B 209 -9.07 -1.73 48.48
N GLY B 210 -8.52 -2.94 48.39
CA GLY B 210 -7.12 -3.15 48.69
C GLY B 210 -6.21 -2.57 47.63
N PHE B 211 -4.94 -2.44 47.99
CA PHE B 211 -3.96 -1.77 47.13
C PHE B 211 -3.27 -2.78 46.21
N LEU B 212 -2.97 -2.34 44.99
CA LEU B 212 -2.20 -3.12 44.02
C LEU B 212 -1.01 -2.28 43.59
N VAL B 213 0.19 -2.74 43.95
CA VAL B 213 1.43 -2.03 43.65
C VAL B 213 2.22 -2.86 42.65
N ILE B 214 2.47 -2.29 41.47
CA ILE B 214 3.14 -2.99 40.38
C ILE B 214 4.27 -2.13 39.86
N MET B 215 5.44 -2.74 39.65
CA MET B 215 6.57 -2.10 39.01
C MET B 215 7.18 -3.09 38.03
N ASP B 216 7.34 -2.68 36.78
CA ASP B 216 7.84 -3.59 35.75
C ASP B 216 8.44 -2.77 34.62
N ALA B 217 9.02 -3.47 33.65
CA ALA B 217 9.68 -2.83 32.52
C ALA B 217 8.65 -2.43 31.46
N LEU B 218 9.06 -1.49 30.62
CA LEU B 218 8.24 -0.98 29.53
C LEU B 218 8.91 -1.32 28.20
N LYS B 219 8.12 -1.82 27.24
CA LYS B 219 8.58 -2.11 25.88
C LYS B 219 9.77 -3.08 25.89
N SER B 220 9.75 -4.03 26.81
CA SER B 220 10.81 -5.02 26.93
C SER B 220 10.31 -6.33 26.35
N SER B 221 11.03 -6.85 25.36
CA SER B 221 10.69 -8.13 24.75
C SER B 221 11.54 -9.29 25.25
N TYR B 222 12.60 -9.01 26.01
CA TYR B 222 13.45 -10.05 26.58
C TYR B 222 14.29 -9.45 27.69
N TYR B 223 14.82 -10.34 28.53
CA TYR B 223 15.85 -9.97 29.49
C TYR B 223 16.84 -11.11 29.62
N MET B 224 18.09 -10.77 29.95
CA MET B 224 19.19 -11.70 29.90
C MET B 224 19.68 -12.06 31.30
N ILE B 225 20.00 -13.33 31.51
CA ILE B 225 20.76 -13.79 32.67
C ILE B 225 22.00 -14.47 32.10
N GLY B 226 23.07 -13.71 31.94
CA GLY B 226 24.24 -14.20 31.24
C GLY B 226 23.95 -14.47 29.77
N GLU B 227 23.94 -15.75 29.38
CA GLU B 227 23.63 -16.14 28.01
C GLU B 227 22.20 -16.64 27.86
N GLN B 228 21.52 -16.96 28.95
CA GLN B 228 20.14 -17.44 28.88
C GLN B 228 19.19 -16.26 28.68
N LYS B 229 18.36 -16.35 27.64
CA LYS B 229 17.39 -15.32 27.32
C LYS B 229 16.01 -15.74 27.80
N PHE B 230 15.31 -14.83 28.46
CA PHE B 230 13.95 -15.05 28.90
C PHE B 230 13.02 -14.05 28.22
N SER B 231 11.82 -14.50 27.88
CA SER B 231 10.89 -13.66 27.14
C SER B 231 10.27 -12.60 28.04
N SER B 232 9.75 -11.55 27.40
CA SER B 232 9.08 -10.47 28.11
C SER B 232 8.04 -9.85 27.19
N LEU B 233 6.90 -9.46 27.76
CA LEU B 233 5.84 -8.82 26.99
C LEU B 233 6.17 -7.35 26.81
N PRO B 234 6.37 -6.87 25.58
CA PRO B 234 6.71 -5.45 25.34
C PRO B 234 5.50 -4.51 25.46
N LEU B 235 5.13 -4.21 26.69
CA LEU B 235 3.96 -3.39 26.97
C LEU B 235 4.32 -1.91 27.01
N GLY B 236 3.48 -1.08 26.38
CA GLY B 236 3.58 0.35 26.55
C GLY B 236 2.70 0.86 27.68
N ARG B 237 2.84 2.15 27.98
CA ARG B 237 2.11 2.75 29.09
C ARG B 237 0.59 2.61 28.92
N GLU B 238 0.10 2.84 27.71
CA GLU B 238 -1.34 2.78 27.47
C GLU B 238 -1.87 1.36 27.66
N ALA B 239 -1.11 0.35 27.22
CA ALA B 239 -1.57 -1.03 27.36
C ALA B 239 -1.62 -1.46 28.81
N VAL B 240 -0.70 -0.98 29.64
CA VAL B 240 -0.72 -1.34 31.05
C VAL B 240 -1.94 -0.74 31.74
N GLU B 241 -2.23 0.53 31.48
CA GLU B 241 -3.38 1.18 32.09
C GLU B 241 -4.68 0.53 31.66
N ALA B 242 -4.79 0.17 30.37
CA ALA B 242 -6.01 -0.47 29.88
C ALA B 242 -6.22 -1.83 30.52
N ALA B 243 -5.14 -2.61 30.69
CA ALA B 243 -5.27 -3.93 31.30
C ALA B 243 -5.60 -3.81 32.79
N VAL B 244 -5.03 -2.82 33.46
CA VAL B 244 -5.29 -2.64 34.89
C VAL B 244 -6.74 -2.24 35.11
N LYS B 245 -7.24 -1.29 34.32
CA LYS B 245 -8.61 -0.82 34.48
C LYS B 245 -9.61 -1.91 34.11
N GLU B 246 -9.33 -2.67 33.05
CA GLU B 246 -10.24 -3.74 32.65
C GLU B 246 -10.32 -4.84 33.69
N ALA B 247 -9.22 -5.09 34.42
CA ALA B 247 -9.20 -6.11 35.45
C ALA B 247 -9.95 -5.71 36.72
N GLY B 248 -10.50 -4.51 36.77
CA GLY B 248 -11.29 -4.07 37.90
C GLY B 248 -10.58 -3.20 38.92
N TYR B 249 -9.64 -2.37 38.49
CA TYR B 249 -8.90 -1.50 39.40
C TYR B 249 -9.10 -0.04 39.01
N THR B 250 -8.88 0.84 40.00
CA THR B 250 -8.76 2.28 39.78
C THR B 250 -7.34 2.70 40.11
N ILE B 251 -6.70 3.39 39.17
CA ILE B 251 -5.30 3.76 39.33
C ILE B 251 -5.22 5.03 40.15
N GLU B 252 -4.52 4.97 41.29
CA GLU B 252 -4.33 6.18 42.10
C GLU B 252 -3.23 7.06 41.54
N TRP B 253 -2.11 6.46 41.13
CA TRP B 253 -1.08 7.21 40.41
C TRP B 253 -0.26 6.26 39.57
N PHE B 254 0.33 6.79 38.51
CA PHE B 254 1.06 6.02 37.52
C PHE B 254 2.29 6.82 37.11
N GLU B 255 3.47 6.23 37.30
CA GLU B 255 4.73 6.89 36.99
C GLU B 255 5.51 6.06 35.98
N VAL B 256 6.13 6.74 35.02
CA VAL B 256 6.99 6.12 34.02
C VAL B 256 8.35 6.81 34.07
N ILE B 257 9.42 6.03 33.92
CA ILE B 257 10.77 6.57 33.89
C ILE B 257 11.46 6.12 32.60
N SER B 258 12.44 6.91 32.17
CA SER B 258 13.18 6.60 30.95
C SER B 258 14.39 5.73 31.19
N GLN B 259 14.86 5.61 32.44
CA GLN B 259 16.03 4.79 32.74
C GLN B 259 15.77 3.34 32.36
N SER B 260 16.71 2.77 31.60
CA SER B 260 16.58 1.41 31.09
C SER B 260 17.77 0.57 31.54
N TYR B 261 17.62 -0.75 31.41
CA TYR B 261 18.73 -1.66 31.65
C TYR B 261 19.77 -1.51 30.54
N SER B 262 20.95 -2.05 30.80
CA SER B 262 21.98 -2.13 29.76
C SER B 262 21.48 -2.99 28.61
N SER B 263 21.86 -2.60 27.39
CA SER B 263 21.38 -3.31 26.21
C SER B 263 21.82 -4.77 26.21
N THR B 264 22.98 -5.07 26.80
CA THR B 264 23.45 -6.44 26.93
C THR B 264 22.63 -7.27 27.91
N MET B 265 21.63 -6.69 28.57
CA MET B 265 20.86 -7.43 29.57
C MET B 265 19.36 -7.38 29.30
N ALA B 266 18.88 -6.29 28.71
CA ALA B 266 17.48 -6.16 28.38
C ALA B 266 17.30 -5.02 27.39
N ASN B 267 16.23 -5.11 26.59
CA ASN B 267 15.90 -4.11 25.58
C ASN B 267 14.76 -3.20 26.02
N ASN B 268 14.58 -3.01 27.32
CA ASN B 268 13.49 -2.18 27.80
C ASN B 268 13.73 -0.71 27.46
N GLU B 269 12.64 0.05 27.43
CA GLU B 269 12.69 1.50 27.22
C GLU B 269 12.20 2.24 28.47
N GLY B 270 12.61 1.77 29.63
CA GLY B 270 12.21 2.36 30.89
C GLY B 270 11.35 1.40 31.70
N LEU B 271 10.86 1.91 32.82
CA LEU B 271 10.02 1.15 33.74
C LEU B 271 8.81 1.99 34.13
N PHE B 272 7.82 1.33 34.73
CA PHE B 272 6.64 2.01 35.22
C PHE B 272 6.39 1.60 36.67
N SER B 273 5.69 2.47 37.40
CA SER B 273 5.26 2.21 38.75
C SER B 273 3.83 2.70 38.90
N LEU B 274 2.99 1.90 39.55
CA LEU B 274 1.59 2.27 39.73
C LEU B 274 1.08 1.76 41.07
N VAL B 275 0.12 2.50 41.61
CA VAL B 275 -0.67 2.07 42.76
C VAL B 275 -2.14 2.10 42.34
N ALA B 276 -2.83 0.99 42.53
CA ALA B 276 -4.23 0.87 42.15
C ALA B 276 -5.03 0.32 43.33
N ARG B 277 -6.34 0.55 43.28
CA ARG B 277 -7.27 0.04 44.27
C ARG B 277 -8.26 -0.89 43.60
N LYS B 278 -8.60 -1.98 44.29
CA LYS B 278 -9.56 -2.94 43.78
C LYS B 278 -10.97 -2.38 43.87
N LEU B 279 -11.73 -2.52 42.79
CA LEU B 279 -13.10 -2.02 42.74
C LEU B 279 -14.06 -2.98 43.43
N SER B 280 -15.29 -2.53 43.60
CA SER B 280 -16.35 -3.29 44.26
C SER B 280 -15.95 -3.70 45.68
N HIS C 9 -0.71 -11.43 19.36
CA HIS C 9 -0.85 -9.99 19.30
C HIS C 9 -2.24 -9.58 18.85
N HIS C 10 -3.25 -10.12 19.53
CA HIS C 10 -4.66 -9.87 19.21
C HIS C 10 -5.44 -9.58 20.49
N SER C 11 -4.94 -8.64 21.29
CA SER C 11 -5.61 -8.22 22.51
C SER C 11 -7.09 -8.00 22.27
N SER C 12 -7.90 -8.57 23.17
CA SER C 12 -9.35 -8.64 22.96
C SER C 12 -10.00 -7.28 23.20
N GLY C 13 -9.77 -6.35 22.28
CA GLY C 13 -10.30 -5.01 22.40
C GLY C 13 -9.72 -4.19 23.53
N LEU C 14 -8.74 -4.72 24.26
CA LEU C 14 -8.10 -3.95 25.34
C LEU C 14 -7.47 -2.68 24.79
N VAL C 15 -6.70 -2.80 23.71
CA VAL C 15 -6.10 -1.66 23.03
C VAL C 15 -6.33 -1.83 21.53
N PRO C 16 -6.27 -0.74 20.77
CA PRO C 16 -6.42 -0.86 19.31
C PRO C 16 -5.33 -1.73 18.71
N ARG C 17 -5.65 -2.32 17.56
CA ARG C 17 -4.71 -3.15 16.82
C ARG C 17 -3.41 -2.40 16.55
N GLY C 18 -2.29 -3.08 16.78
CA GLY C 18 -1.00 -2.49 16.51
C GLY C 18 -0.61 -1.34 17.40
N SER C 19 -1.17 -1.25 18.60
CA SER C 19 -0.89 -0.16 19.51
C SER C 19 -0.40 -0.62 20.87
N MET C 20 -0.02 -1.90 21.01
CA MET C 20 0.36 -2.40 22.33
C MET C 20 1.67 -1.78 22.80
N GLU C 21 2.62 -1.59 21.89
CA GLU C 21 3.91 -1.02 22.27
C GLU C 21 3.87 0.51 22.28
N SER C 22 3.54 1.11 21.13
CA SER C 22 3.64 2.55 20.98
C SER C 22 2.44 3.30 21.56
N GLY C 23 1.30 2.63 21.73
CA GLY C 23 0.09 3.29 22.17
C GLY C 23 -0.77 3.85 21.06
N PHE C 24 -0.38 3.66 19.80
CA PHE C 24 -1.14 4.14 18.66
C PHE C 24 -0.96 3.16 17.51
N THR C 25 -2.04 2.88 16.79
CA THR C 25 -2.03 1.92 15.70
C THR C 25 -0.93 2.23 14.69
N SER C 26 -0.06 1.26 14.45
CA SER C 26 1.04 1.44 13.53
C SER C 26 0.55 1.42 12.09
N LYS C 27 1.37 1.95 11.19
CA LYS C 27 1.00 2.01 9.78
C LYS C 27 0.91 0.62 9.16
N ASP C 28 1.73 -0.33 9.63
CA ASP C 28 1.66 -1.69 9.11
C ASP C 28 0.28 -2.30 9.31
N THR C 29 -0.45 -1.87 10.34
CA THR C 29 -1.77 -2.41 10.60
C THR C 29 -2.75 -2.09 9.47
N TYR C 30 -2.58 -0.94 8.82
CA TYR C 30 -3.46 -0.58 7.72
C TYR C 30 -3.17 -1.34 6.44
N LEU C 31 -2.04 -2.04 6.36
CA LEU C 31 -1.73 -2.87 5.20
C LEU C 31 -2.22 -4.30 5.34
N SER C 32 -2.60 -4.73 6.54
CA SER C 32 -3.01 -6.10 6.77
C SER C 32 -4.40 -6.23 7.38
N HIS C 33 -4.76 -5.38 8.34
CA HIS C 33 -5.99 -5.56 9.12
C HIS C 33 -7.09 -4.57 8.74
N PHE C 34 -6.88 -3.75 7.71
CA PHE C 34 -7.90 -2.82 7.23
C PHE C 34 -8.50 -3.42 5.96
N ASN C 35 -9.69 -4.00 6.09
CA ASN C 35 -10.37 -4.60 4.95
C ASN C 35 -11.30 -3.59 4.31
N PRO C 36 -11.11 -3.22 3.04
CA PRO C 36 -11.99 -2.20 2.43
C PRO C 36 -13.45 -2.62 2.38
N ARG C 37 -13.72 -3.89 2.05
CA ARG C 37 -15.11 -4.34 1.92
C ARG C 37 -15.85 -4.23 3.24
N ASP C 38 -15.24 -4.72 4.33
CA ASP C 38 -15.89 -4.67 5.63
C ASP C 38 -16.11 -3.24 6.09
N TYR C 39 -15.16 -2.35 5.79
CA TYR C 39 -15.32 -0.95 6.17
C TYR C 39 -16.42 -0.28 5.35
N LEU C 40 -16.53 -0.63 4.06
CA LEU C 40 -17.56 -0.03 3.22
C LEU C 40 -18.94 -0.51 3.60
N GLU C 41 -19.07 -1.78 3.98
CA GLU C 41 -20.35 -2.29 4.42
C GLU C 41 -20.74 -1.74 5.79
N LYS C 42 -19.74 -1.39 6.60
CA LYS C 42 -20.01 -0.93 7.96
C LYS C 42 -20.47 0.53 7.99
N TYR C 43 -19.83 1.39 7.20
CA TYR C 43 -20.03 2.83 7.32
C TYR C 43 -20.78 3.47 6.16
N TYR C 44 -20.87 2.81 5.00
CA TYR C 44 -21.34 3.48 3.80
C TYR C 44 -22.34 2.63 3.03
N LYS C 45 -23.22 1.93 3.75
CA LYS C 45 -24.24 1.12 3.08
C LYS C 45 -25.42 1.98 2.62
N PHE C 46 -25.97 2.79 3.51
CA PHE C 46 -27.19 3.53 3.25
C PHE C 46 -26.87 4.93 2.72
N GLY C 47 -27.68 5.39 1.76
CA GLY C 47 -27.44 6.70 1.17
C GLY C 47 -28.23 7.84 1.77
N SER C 48 -29.56 7.70 1.84
CA SER C 48 -30.44 8.69 2.45
C SER C 48 -31.33 7.91 3.42
N ARG C 49 -30.98 7.97 4.71
CA ARG C 49 -31.48 6.94 5.62
C ARG C 49 -31.47 7.46 7.04
N HIS C 50 -31.52 6.52 7.99
CA HIS C 50 -31.95 6.72 9.36
C HIS C 50 -30.85 6.57 10.39
N SER C 51 -29.83 5.75 10.13
CA SER C 51 -28.83 5.42 11.13
C SER C 51 -27.92 6.61 11.41
N ALA C 52 -27.14 6.47 12.48
CA ALA C 52 -26.22 7.53 12.87
C ALA C 52 -25.09 7.71 11.85
N GLU C 53 -24.54 6.59 11.36
CA GLU C 53 -23.52 6.68 10.32
C GLU C 53 -24.09 7.24 9.02
N SER C 54 -25.39 7.05 8.79
CA SER C 54 -26.03 7.63 7.61
C SER C 54 -26.23 9.12 7.77
N GLN C 55 -26.64 9.57 8.97
CA GLN C 55 -26.76 10.99 9.22
C GLN C 55 -25.41 11.70 9.05
N ILE C 56 -24.33 11.08 9.52
CA ILE C 56 -23.00 11.66 9.36
C ILE C 56 -22.64 11.77 7.89
N LEU C 57 -23.02 10.77 7.09
CA LEU C 57 -22.72 10.81 5.66
C LEU C 57 -23.49 11.93 4.97
N LYS C 58 -24.78 12.06 5.28
CA LYS C 58 -25.59 13.11 4.66
C LYS C 58 -25.07 14.50 5.01
N HIS C 59 -24.49 14.67 6.20
CA HIS C 59 -23.96 15.98 6.57
C HIS C 59 -22.65 16.26 5.85
N LEU C 60 -21.81 15.24 5.66
CA LEU C 60 -20.57 15.43 4.92
C LEU C 60 -20.85 15.79 3.48
N LEU C 61 -21.85 15.14 2.87
CA LEU C 61 -22.20 15.45 1.48
C LEU C 61 -22.78 16.85 1.35
N LYS C 62 -23.60 17.27 2.31
CA LYS C 62 -24.16 18.62 2.26
C LYS C 62 -23.08 19.67 2.44
N ASN C 63 -22.15 19.44 3.37
CA ASN C 63 -21.01 20.34 3.52
C ASN C 63 -20.17 20.38 2.26
N LEU C 64 -19.85 19.21 1.70
CA LEU C 64 -19.08 19.16 0.46
C LEU C 64 -19.82 19.85 -0.68
N PHE C 65 -21.15 19.72 -0.71
CA PHE C 65 -21.94 20.44 -1.69
C PHE C 65 -21.81 21.95 -1.52
N LYS C 66 -21.81 22.42 -0.27
CA LYS C 66 -21.70 23.85 -0.02
C LYS C 66 -20.30 24.35 -0.34
N ILE C 67 -19.27 23.56 -0.05
CA ILE C 67 -17.90 24.01 -0.23
C ILE C 67 -17.58 24.21 -1.71
N PHE C 68 -17.79 23.16 -2.52
CA PHE C 68 -17.30 23.17 -3.89
C PHE C 68 -18.31 23.76 -4.88
N CYS C 69 -19.61 23.65 -4.60
CA CYS C 69 -20.62 24.14 -5.53
C CYS C 69 -21.15 25.53 -5.17
N LEU C 70 -21.26 25.84 -3.88
CA LEU C 70 -21.80 27.12 -3.43
C LEU C 70 -20.72 28.13 -3.08
N ASP C 71 -19.67 27.72 -2.38
CA ASP C 71 -18.60 28.63 -1.99
C ASP C 71 -17.57 28.85 -3.08
N GLY C 72 -17.72 28.21 -4.24
CA GLY C 72 -16.84 28.46 -5.36
C GLY C 72 -15.42 27.97 -5.20
N VAL C 73 -15.21 26.93 -4.40
CA VAL C 73 -13.89 26.32 -4.30
C VAL C 73 -13.66 25.50 -5.55
N LYS C 74 -12.76 25.97 -6.42
CA LYS C 74 -12.55 25.33 -7.71
C LYS C 74 -11.10 25.55 -8.15
N GLY C 75 -10.71 24.83 -9.20
CA GLY C 75 -9.37 24.97 -9.72
C GLY C 75 -9.05 23.84 -10.68
N ASP C 76 -7.77 23.74 -11.02
CA ASP C 76 -7.32 22.73 -11.97
C ASP C 76 -7.29 21.34 -11.32
N LEU C 77 -6.51 21.19 -10.25
CA LEU C 77 -6.21 19.89 -9.68
C LEU C 77 -6.68 19.83 -8.22
N LEU C 78 -7.34 18.73 -7.87
CA LEU C 78 -7.72 18.42 -6.50
C LEU C 78 -7.04 17.12 -6.09
N ILE C 79 -6.45 17.10 -4.90
CA ILE C 79 -5.77 15.92 -4.38
C ILE C 79 -6.50 15.46 -3.13
N ASP C 80 -7.04 14.24 -3.17
CA ASP C 80 -7.73 13.65 -2.03
C ASP C 80 -6.74 12.82 -1.23
N ILE C 81 -6.61 13.13 0.06
CA ILE C 81 -5.65 12.47 0.94
C ILE C 81 -6.42 11.55 1.88
N GLY C 82 -5.94 10.32 2.03
CA GLY C 82 -6.59 9.37 2.92
C GLY C 82 -7.99 9.01 2.50
N SER C 83 -8.20 8.79 1.20
CA SER C 83 -9.54 8.53 0.68
C SER C 83 -10.10 7.22 1.18
N GLY C 84 -9.24 6.25 1.49
CA GLY C 84 -9.69 4.92 1.78
C GLY C 84 -10.36 4.30 0.57
N PRO C 85 -11.37 3.47 0.79
CA PRO C 85 -12.09 2.88 -0.34
C PRO C 85 -13.29 3.69 -0.79
N THR C 86 -13.39 4.95 -0.38
CA THR C 86 -14.60 5.74 -0.58
C THR C 86 -14.44 6.74 -1.72
N ILE C 87 -15.57 7.07 -2.34
CA ILE C 87 -15.62 8.09 -3.38
C ILE C 87 -16.70 9.14 -3.15
N TYR C 88 -17.45 9.04 -2.05
CA TYR C 88 -18.50 10.02 -1.77
C TYR C 88 -17.93 11.43 -1.67
N GLN C 89 -16.71 11.57 -1.17
CA GLN C 89 -16.10 12.87 -0.96
C GLN C 89 -15.67 13.54 -2.26
N LEU C 90 -15.89 12.91 -3.40
CA LEU C 90 -15.45 13.44 -4.69
C LEU C 90 -16.60 13.78 -5.62
N LEU C 91 -17.85 13.50 -5.23
CA LEU C 91 -18.98 13.67 -6.15
C LEU C 91 -19.20 15.15 -6.48
N SER C 92 -19.27 15.99 -5.45
CA SER C 92 -19.43 17.42 -5.71
C SER C 92 -18.13 18.07 -6.19
N ALA C 93 -16.98 17.51 -5.80
CA ALA C 93 -15.71 18.13 -6.16
C ALA C 93 -15.40 18.00 -7.65
N CYS C 94 -15.92 16.97 -8.31
CA CYS C 94 -15.64 16.80 -9.73
C CYS C 94 -16.36 17.79 -10.61
N GLU C 95 -17.34 18.52 -10.06
CA GLU C 95 -18.00 19.59 -10.82
C GLU C 95 -17.19 20.88 -10.82
N SER C 96 -16.29 21.06 -9.87
CA SER C 96 -15.49 22.27 -9.76
C SER C 96 -14.02 22.05 -10.08
N PHE C 97 -13.59 20.81 -10.31
CA PHE C 97 -12.20 20.52 -10.60
C PHE C 97 -12.10 19.64 -11.84
N LYS C 98 -11.16 19.98 -12.72
CA LYS C 98 -10.98 19.23 -13.95
C LYS C 98 -10.29 17.90 -13.70
N GLU C 99 -9.31 17.88 -12.79
CA GLU C 99 -8.52 16.69 -12.51
C GLU C 99 -8.54 16.40 -11.01
N ILE C 100 -8.67 15.12 -10.68
CA ILE C 100 -8.69 14.65 -9.29
C ILE C 100 -7.67 13.54 -9.14
N VAL C 101 -6.83 13.65 -8.12
CA VAL C 101 -5.89 12.59 -7.75
C VAL C 101 -6.33 12.03 -6.41
N VAL C 102 -6.51 10.71 -6.35
CA VAL C 102 -7.03 10.03 -5.16
C VAL C 102 -5.90 9.21 -4.56
N THR C 103 -5.70 9.35 -3.25
CA THR C 103 -4.55 8.75 -2.58
C THR C 103 -4.97 8.07 -1.29
N ASP C 104 -4.19 7.06 -0.89
CA ASP C 104 -4.37 6.38 0.38
C ASP C 104 -3.11 5.58 0.67
N TYR C 105 -2.89 5.29 1.95
CA TYR C 105 -1.74 4.49 2.34
C TYR C 105 -1.96 3.01 2.12
N SER C 106 -3.19 2.54 2.27
CA SER C 106 -3.49 1.12 2.17
C SER C 106 -3.56 0.71 0.70
N ASP C 107 -2.69 -0.22 0.30
CA ASP C 107 -2.73 -0.76 -1.05
C ASP C 107 -4.06 -1.44 -1.34
N GLN C 108 -4.67 -2.06 -0.32
CA GLN C 108 -5.96 -2.73 -0.51
C GLN C 108 -7.05 -1.72 -0.82
N ASN C 109 -7.02 -0.55 -0.19
CA ASN C 109 -7.99 0.50 -0.49
C ASN C 109 -7.85 1.00 -1.92
N LEU C 110 -6.60 1.16 -2.39
CA LEU C 110 -6.38 1.63 -3.75
C LEU C 110 -6.88 0.62 -4.78
N GLN C 111 -6.79 -0.67 -4.48
CA GLN C 111 -7.35 -1.68 -5.38
C GLN C 111 -8.87 -1.58 -5.44
N GLU C 112 -9.51 -1.27 -4.32
CA GLU C 112 -10.96 -1.13 -4.30
C GLU C 112 -11.41 0.10 -5.09
N LEU C 113 -10.64 1.19 -5.01
CA LEU C 113 -10.97 2.38 -5.77
C LEU C 113 -10.83 2.12 -7.27
N GLU C 114 -9.76 1.44 -7.68
CA GLU C 114 -9.57 1.15 -9.10
C GLU C 114 -10.65 0.21 -9.64
N LYS C 115 -11.18 -0.68 -8.79
CA LYS C 115 -12.30 -1.51 -9.20
C LYS C 115 -13.51 -0.66 -9.54
N TRP C 116 -13.74 0.40 -8.75
CA TRP C 116 -14.89 1.27 -9.02
C TRP C 116 -14.63 2.16 -10.22
N LEU C 117 -13.38 2.54 -10.47
CA LEU C 117 -13.07 3.37 -11.62
C LEU C 117 -13.35 2.64 -12.93
N LYS C 118 -13.00 1.36 -12.99
CA LYS C 118 -13.29 0.55 -14.18
C LYS C 118 -14.73 0.03 -14.20
N ALA C 119 -15.53 0.37 -13.19
CA ALA C 119 -16.91 -0.07 -13.09
C ALA C 119 -17.02 -1.60 -13.09
N ALA C 120 -16.12 -2.24 -12.34
CA ALA C 120 -16.17 -3.69 -12.22
C ALA C 120 -17.42 -4.12 -11.45
N PRO C 121 -18.08 -5.20 -11.88
CA PRO C 121 -19.33 -5.61 -11.20
C PRO C 121 -19.14 -5.92 -9.73
N ALA C 122 -17.98 -6.41 -9.32
CA ALA C 122 -17.72 -6.74 -7.93
C ALA C 122 -17.40 -5.52 -7.07
N ALA C 123 -17.31 -4.34 -7.67
CA ALA C 123 -17.00 -3.14 -6.90
C ALA C 123 -18.19 -2.72 -6.06
N PHE C 124 -17.92 -1.85 -5.08
CA PHE C 124 -18.95 -1.36 -4.18
C PHE C 124 -19.95 -0.50 -4.95
N ASP C 125 -21.21 -0.57 -4.52
CA ASP C 125 -22.30 0.15 -5.18
C ASP C 125 -22.54 1.47 -4.46
N TRP C 126 -22.21 2.58 -5.14
CA TRP C 126 -22.41 3.91 -4.61
C TRP C 126 -23.66 4.58 -5.17
N SER C 127 -24.56 3.81 -5.78
CA SER C 127 -25.71 4.41 -6.46
C SER C 127 -26.63 5.22 -5.54
N PRO C 128 -26.97 4.78 -4.32
CA PRO C 128 -27.80 5.65 -3.47
C PRO C 128 -27.08 6.88 -2.95
N VAL C 129 -25.75 6.89 -2.96
CA VAL C 129 -25.02 8.06 -2.51
C VAL C 129 -24.87 9.09 -3.63
N VAL C 130 -24.66 8.62 -4.86
CA VAL C 130 -24.56 9.55 -5.98
C VAL C 130 -25.93 10.14 -6.30
N THR C 131 -26.99 9.35 -6.15
CA THR C 131 -28.34 9.87 -6.36
C THR C 131 -28.67 10.95 -5.34
N TYR C 132 -28.25 10.77 -4.09
CA TYR C 132 -28.46 11.79 -3.07
C TYR C 132 -27.75 13.09 -3.44
N VAL C 133 -26.53 12.99 -3.96
CA VAL C 133 -25.81 14.19 -4.39
C VAL C 133 -26.48 14.81 -5.60
N CYS C 134 -27.00 13.98 -6.51
CA CYS C 134 -27.66 14.51 -7.71
C CYS C 134 -28.87 15.37 -7.34
N ASP C 135 -29.66 14.94 -6.34
CA ASP C 135 -30.79 15.73 -5.92
C ASP C 135 -30.36 16.97 -5.14
N LEU C 136 -29.21 16.90 -4.46
CA LEU C 136 -28.67 18.09 -3.81
C LEU C 136 -28.30 19.16 -4.83
N GLU C 137 -27.84 18.76 -6.01
CA GLU C 137 -27.38 19.67 -7.04
C GLU C 137 -28.48 20.10 -8.00
N GLY C 138 -29.75 19.91 -7.63
CA GLY C 138 -30.86 20.36 -8.44
C GLY C 138 -31.35 19.38 -9.48
N ASN C 139 -30.89 18.14 -9.45
CA ASN C 139 -31.30 17.11 -10.42
C ASN C 139 -31.00 17.53 -11.85
N ARG C 140 -29.85 18.19 -12.03
CA ARG C 140 -29.44 18.58 -13.39
C ARG C 140 -29.09 17.35 -14.22
N VAL C 141 -28.48 16.35 -13.60
CA VAL C 141 -28.19 15.08 -14.22
C VAL C 141 -28.72 13.96 -13.32
N LYS C 142 -28.62 12.74 -13.80
CA LYS C 142 -29.02 11.56 -13.03
C LYS C 142 -27.78 10.83 -12.53
N GLY C 143 -28.03 9.76 -11.76
CA GLY C 143 -26.98 8.99 -11.13
C GLY C 143 -25.89 8.51 -12.07
N PRO C 144 -26.26 7.72 -13.08
CA PRO C 144 -25.23 7.17 -13.99
C PRO C 144 -24.37 8.22 -14.67
N GLU C 145 -24.96 9.36 -15.05
CA GLU C 145 -24.18 10.38 -15.76
C GLU C 145 -23.18 11.07 -14.84
N LYS C 146 -23.60 11.43 -13.62
CA LYS C 146 -22.68 12.04 -12.67
C LYS C 146 -21.58 11.05 -12.27
N GLU C 147 -21.94 9.78 -12.10
CA GLU C 147 -20.95 8.76 -11.76
C GLU C 147 -19.87 8.66 -12.82
N GLU C 148 -20.25 8.73 -14.10
CA GLU C 148 -19.27 8.71 -15.18
C GLU C 148 -18.45 9.99 -15.23
N LYS C 149 -19.05 11.11 -14.83
CA LYS C 149 -18.30 12.37 -14.79
C LYS C 149 -17.19 12.31 -13.75
N LEU C 150 -17.43 11.65 -12.61
CA LEU C 150 -16.39 11.50 -11.61
C LEU C 150 -15.31 10.53 -12.07
N ARG C 151 -15.70 9.41 -12.69
CA ARG C 151 -14.72 8.44 -13.14
C ARG C 151 -13.76 9.05 -14.15
N GLN C 152 -14.26 9.93 -15.01
CA GLN C 152 -13.39 10.63 -15.97
C GLN C 152 -12.56 11.73 -15.31
N ALA C 153 -13.01 12.26 -14.16
CA ALA C 153 -12.24 13.28 -13.48
C ALA C 153 -11.04 12.69 -12.74
N VAL C 154 -11.23 11.50 -12.14
CA VAL C 154 -10.14 10.83 -11.44
C VAL C 154 -9.09 10.41 -12.46
N LYS C 155 -7.89 11.00 -12.37
CA LYS C 155 -6.84 10.76 -13.34
C LYS C 155 -5.64 10.01 -12.79
N GLN C 156 -5.57 9.76 -11.49
CA GLN C 156 -4.47 8.99 -10.93
C GLN C 156 -4.84 8.51 -9.54
N VAL C 157 -4.36 7.32 -9.20
CA VAL C 157 -4.59 6.69 -7.91
C VAL C 157 -3.22 6.30 -7.35
N LEU C 158 -2.79 6.97 -6.29
CA LEU C 158 -1.44 6.87 -5.80
C LEU C 158 -1.41 6.45 -4.33
N LYS C 159 -0.25 5.96 -3.91
CA LYS C 159 0.01 5.66 -2.52
C LYS C 159 0.55 6.91 -1.83
N CYS C 160 0.03 7.20 -0.63
CA CYS C 160 0.43 8.38 0.10
CA CYS C 160 0.41 8.38 0.11
C CYS C 160 0.74 8.02 1.55
N ASP C 161 1.56 8.86 2.18
CA ASP C 161 1.90 8.73 3.59
C ASP C 161 2.08 10.14 4.13
N VAL C 162 1.13 10.58 4.96
CA VAL C 162 1.12 11.97 5.41
C VAL C 162 2.29 12.31 6.31
N THR C 163 2.96 11.31 6.87
CA THR C 163 4.08 11.55 7.78
C THR C 163 5.40 11.80 7.06
N GLN C 164 5.39 11.84 5.73
CA GLN C 164 6.60 12.03 4.95
C GLN C 164 6.63 13.44 4.37
N SER C 165 7.86 13.98 4.22
CA SER C 165 8.02 15.32 3.66
C SER C 165 7.40 15.40 2.27
N GLN C 166 7.60 14.35 1.45
CA GLN C 166 6.92 14.20 0.17
C GLN C 166 5.84 13.15 0.35
N PRO C 167 4.61 13.52 0.71
CA PRO C 167 3.59 12.51 1.00
C PRO C 167 3.27 11.61 -0.19
N LEU C 168 3.46 12.11 -1.42
CA LEU C 168 3.23 11.32 -2.62
C LEU C 168 4.52 10.75 -3.20
N GLY C 169 5.63 10.88 -2.48
CA GLY C 169 6.89 10.34 -2.97
C GLY C 169 7.45 11.17 -4.11
N ALA C 170 7.97 10.49 -5.13
CA ALA C 170 8.59 11.14 -6.28
C ALA C 170 7.64 11.35 -7.43
N VAL C 171 6.34 11.12 -7.24
CA VAL C 171 5.35 11.30 -8.31
C VAL C 171 5.23 12.78 -8.62
N PRO C 172 5.57 13.22 -9.82
CA PRO C 172 5.51 14.65 -10.16
C PRO C 172 4.07 15.09 -10.42
N LEU C 173 3.58 16.00 -9.58
CA LEU C 173 2.27 16.60 -9.76
C LEU C 173 2.39 18.11 -9.78
N PRO C 174 1.60 18.80 -10.60
CA PRO C 174 1.58 20.25 -10.52
C PRO C 174 1.05 20.71 -9.19
N PRO C 175 1.42 21.91 -8.76
CA PRO C 175 0.88 22.45 -7.50
C PRO C 175 -0.64 22.51 -7.56
N ALA C 176 -1.29 21.79 -6.64
CA ALA C 176 -2.72 21.62 -6.68
C ALA C 176 -3.42 22.87 -6.15
N ASP C 177 -4.67 23.06 -6.60
CA ASP C 177 -5.51 24.15 -6.12
C ASP C 177 -6.25 23.80 -4.84
N CYS C 178 -6.34 22.53 -4.49
CA CYS C 178 -7.05 22.12 -3.29
C CYS C 178 -6.53 20.77 -2.84
N VAL C 179 -6.49 20.58 -1.52
CA VAL C 179 -6.17 19.29 -0.90
C VAL C 179 -7.30 18.94 0.05
N LEU C 180 -7.97 17.82 -0.23
CA LEU C 180 -9.09 17.34 0.57
C LEU C 180 -8.66 16.10 1.34
N SER C 181 -9.17 15.97 2.57
CA SER C 181 -8.87 14.80 3.39
C SER C 181 -10.00 14.62 4.40
N THR C 182 -10.71 13.51 4.31
CA THR C 182 -11.87 13.23 5.16
C THR C 182 -11.57 12.01 6.03
N LEU C 183 -11.64 12.19 7.34
CA LEU C 183 -11.56 11.09 8.31
C LEU C 183 -10.25 10.32 8.17
N CYS C 184 -9.16 11.03 7.92
CA CYS C 184 -7.85 10.41 7.73
C CYS C 184 -6.82 10.86 8.74
N LEU C 185 -6.74 12.16 9.01
CA LEU C 185 -5.64 12.68 9.83
C LEU C 185 -5.74 12.19 11.28
N ASP C 186 -6.97 12.06 11.79
CA ASP C 186 -7.14 11.50 13.13
C ASP C 186 -6.61 10.08 13.22
N ALA C 187 -6.72 9.31 12.13
CA ALA C 187 -6.32 7.91 12.15
C ALA C 187 -4.84 7.71 11.89
N ALA C 188 -4.17 8.66 11.24
CA ALA C 188 -2.78 8.49 10.83
C ALA C 188 -1.79 9.24 11.71
N CYS C 189 -2.25 10.13 12.59
CA CYS C 189 -1.35 10.95 13.39
CA CYS C 189 -1.35 10.95 13.39
C CYS C 189 -1.43 10.55 14.85
N PRO C 190 -0.36 9.99 15.43
CA PRO C 190 -0.43 9.55 16.83
C PRO C 190 -0.46 10.70 17.83
N ASP C 191 0.17 11.82 17.52
CA ASP C 191 0.23 12.96 18.42
C ASP C 191 0.00 14.24 17.63
N LEU C 192 -0.18 15.34 18.36
CA LEU C 192 -0.42 16.63 17.71
C LEU C 192 0.82 17.13 16.96
N PRO C 193 2.04 16.95 17.47
CA PRO C 193 3.21 17.32 16.65
C PRO C 193 3.24 16.64 15.30
N THR C 194 2.95 15.33 15.25
CA THR C 194 2.84 14.67 13.95
C THR C 194 1.65 15.19 13.15
N TYR C 195 0.56 15.55 13.85
CA TYR C 195 -0.59 16.15 13.18
C TYR C 195 -0.22 17.47 12.53
N CYS C 196 0.50 18.32 13.25
CA CYS C 196 0.96 19.58 12.67
CA CYS C 196 0.95 19.59 12.67
C CYS C 196 1.98 19.35 11.56
N ARG C 197 2.83 18.33 11.72
CA ARG C 197 3.76 17.99 10.66
C ARG C 197 3.03 17.48 9.42
N ALA C 198 1.95 16.73 9.62
CA ALA C 198 1.19 16.19 8.50
C ALA C 198 0.52 17.31 7.70
N LEU C 199 -0.06 18.29 8.39
CA LEU C 199 -0.66 19.43 7.69
C LEU C 199 0.39 20.20 6.91
N ARG C 200 1.62 20.26 7.42
CA ARG C 200 2.70 20.91 6.68
C ARG C 200 3.10 20.09 5.47
N ASN C 201 3.09 18.76 5.59
CA ASN C 201 3.40 17.91 4.45
C ASN C 201 2.37 18.08 3.34
N LEU C 202 1.09 18.21 3.70
CA LEU C 202 0.06 18.45 2.70
C LEU C 202 0.21 19.83 2.06
N GLY C 203 0.81 20.78 2.77
CA GLY C 203 1.03 22.10 2.21
C GLY C 203 2.03 22.14 1.08
N SER C 204 2.89 21.11 0.98
CA SER C 204 3.85 21.04 -0.11
C SER C 204 3.19 20.71 -1.44
N LEU C 205 1.94 20.27 -1.44
CA LEU C 205 1.21 19.92 -2.65
C LEU C 205 0.32 21.04 -3.16
N LEU C 206 0.21 22.14 -2.42
CA LEU C 206 -0.74 23.21 -2.72
C LEU C 206 -0.06 24.40 -3.37
N LYS C 207 -0.82 25.12 -4.19
CA LYS C 207 -0.39 26.41 -4.68
C LYS C 207 -0.42 27.44 -3.56
N PRO C 208 0.35 28.52 -3.68
CA PRO C 208 0.21 29.64 -2.74
C PRO C 208 -1.21 30.18 -2.78
N GLY C 209 -1.90 30.08 -1.65
CA GLY C 209 -3.31 30.43 -1.60
C GLY C 209 -4.25 29.30 -1.95
N GLY C 210 -3.74 28.07 -2.11
CA GLY C 210 -4.60 26.95 -2.35
C GLY C 210 -5.44 26.59 -1.14
N PHE C 211 -6.50 25.83 -1.38
CA PHE C 211 -7.45 25.51 -0.34
C PHE C 211 -7.10 24.19 0.35
N LEU C 212 -7.35 24.14 1.66
CA LEU C 212 -7.24 22.94 2.46
C LEU C 212 -8.60 22.66 3.08
N VAL C 213 -9.21 21.55 2.70
CA VAL C 213 -10.54 21.17 3.19
C VAL C 213 -10.38 19.90 4.01
N ILE C 214 -10.67 20.00 5.31
CA ILE C 214 -10.53 18.89 6.25
C ILE C 214 -11.87 18.62 6.91
N MET C 215 -12.21 17.34 7.02
CA MET C 215 -13.37 16.89 7.79
C MET C 215 -12.98 15.62 8.52
N ASP C 216 -13.14 15.61 9.84
CA ASP C 216 -12.68 14.50 10.65
C ASP C 216 -13.51 14.45 11.93
N ALA C 217 -13.27 13.41 12.73
CA ALA C 217 -14.01 13.21 13.96
C ALA C 217 -13.41 14.04 15.08
N LEU C 218 -14.25 14.37 16.07
CA LEU C 218 -13.86 15.18 17.21
C LEU C 218 -13.80 14.30 18.45
N LYS C 219 -12.70 14.43 19.22
CA LYS C 219 -12.54 13.75 20.50
C LYS C 219 -12.73 12.25 20.38
N SER C 220 -12.17 11.67 19.33
CA SER C 220 -12.28 10.23 19.07
C SER C 220 -10.92 9.59 19.34
N SER C 221 -10.89 8.60 20.22
CA SER C 221 -9.67 7.88 20.53
C SER C 221 -9.60 6.51 19.85
N TYR C 222 -10.67 6.07 19.19
CA TYR C 222 -10.66 4.85 18.41
C TYR C 222 -11.90 4.82 17.52
N TYR C 223 -11.82 4.03 16.46
CA TYR C 223 -12.98 3.70 15.64
C TYR C 223 -12.93 2.22 15.30
N MET C 224 -14.10 1.64 15.06
CA MET C 224 -14.24 0.20 14.92
C MET C 224 -14.58 -0.18 13.48
N ILE C 225 -14.02 -1.29 13.03
CA ILE C 225 -14.46 -1.97 11.81
C ILE C 225 -14.81 -3.40 12.23
N GLY C 226 -16.07 -3.62 12.56
CA GLY C 226 -16.46 -4.89 13.17
C GLY C 226 -15.90 -5.01 14.57
N GLU C 227 -15.05 -6.02 14.79
CA GLU C 227 -14.35 -6.17 16.06
C GLU C 227 -12.91 -5.69 16.00
N GLN C 228 -12.49 -5.10 14.88
CA GLN C 228 -11.17 -4.51 14.76
C GLN C 228 -11.21 -3.07 15.27
N LYS C 229 -10.34 -2.77 16.23
CA LYS C 229 -10.24 -1.44 16.80
C LYS C 229 -9.00 -0.75 16.26
N PHE C 230 -9.16 0.46 15.75
CA PHE C 230 -8.06 1.26 15.22
C PHE C 230 -7.93 2.54 16.03
N SER C 231 -6.68 3.00 16.19
CA SER C 231 -6.43 4.18 17.01
C SER C 231 -6.92 5.45 16.31
N SER C 232 -7.15 6.48 17.11
CA SER C 232 -7.55 7.79 16.61
C SER C 232 -7.05 8.85 17.59
N LEU C 233 -6.72 10.02 17.05
CA LEU C 233 -6.23 11.11 17.88
C LEU C 233 -7.41 11.91 18.42
N PRO C 234 -7.62 11.94 19.73
CA PRO C 234 -8.78 12.67 20.26
C PRO C 234 -8.59 14.18 20.23
N LEU C 235 -8.88 14.80 19.09
CA LEU C 235 -8.67 16.24 18.93
C LEU C 235 -9.92 17.02 19.26
N GLY C 236 -9.74 18.17 19.90
CA GLY C 236 -10.82 19.10 20.15
C GLY C 236 -10.82 20.23 19.12
N ARG C 237 -11.93 20.96 19.11
CA ARG C 237 -12.10 22.05 18.14
C ARG C 237 -10.99 23.10 18.29
N GLU C 238 -10.58 23.39 19.53
CA GLU C 238 -9.53 24.37 19.75
C GLU C 238 -8.16 23.82 19.33
N ALA C 239 -7.92 22.53 19.56
CA ALA C 239 -6.63 21.95 19.20
C ALA C 239 -6.46 21.86 17.69
N VAL C 240 -7.55 21.58 16.98
CA VAL C 240 -7.48 21.50 15.52
C VAL C 240 -7.15 22.85 14.92
N GLU C 241 -7.86 23.90 15.36
CA GLU C 241 -7.62 25.23 14.82
C GLU C 241 -6.20 25.70 15.10
N ALA C 242 -5.68 25.38 16.29
CA ALA C 242 -4.30 25.76 16.61
C ALA C 242 -3.30 25.04 15.70
N ALA C 243 -3.60 23.78 15.35
CA ALA C 243 -2.71 23.03 14.48
C ALA C 243 -2.74 23.59 13.06
N VAL C 244 -3.93 23.91 12.55
CA VAL C 244 -4.05 24.40 11.18
C VAL C 244 -3.37 25.76 11.04
N LYS C 245 -3.56 26.65 12.02
CA LYS C 245 -2.89 27.95 11.98
C LYS C 245 -1.38 27.78 12.07
N GLU C 246 -0.91 26.94 13.01
CA GLU C 246 0.52 26.77 13.20
C GLU C 246 1.19 26.16 11.98
N ALA C 247 0.47 25.30 11.24
CA ALA C 247 1.04 24.68 10.05
C ALA C 247 1.16 25.64 8.87
N GLY C 248 0.64 26.85 8.99
CA GLY C 248 0.75 27.83 7.94
C GLY C 248 -0.50 28.06 7.12
N TYR C 249 -1.69 27.95 7.72
CA TYR C 249 -2.94 28.21 7.02
C TYR C 249 -3.76 29.24 7.78
N THR C 250 -4.62 29.94 7.05
CA THR C 250 -5.64 30.79 7.63
C THR C 250 -6.99 30.13 7.42
N ILE C 251 -7.80 30.08 8.48
CA ILE C 251 -9.07 29.38 8.44
C ILE C 251 -10.14 30.33 7.92
N GLU C 252 -10.81 29.93 6.84
CA GLU C 252 -11.91 30.74 6.31
C GLU C 252 -13.21 30.46 7.05
N TRP C 253 -13.53 29.20 7.30
CA TRP C 253 -14.66 28.87 8.16
CA TRP C 253 -14.66 28.86 8.15
C TRP C 253 -14.42 27.50 8.79
N PHE C 254 -15.01 27.31 9.97
CA PHE C 254 -14.81 26.12 10.79
C PHE C 254 -16.14 25.78 11.44
N GLU C 255 -16.66 24.58 11.15
CA GLU C 255 -17.94 24.14 11.66
C GLU C 255 -17.76 22.85 12.46
N VAL C 256 -18.47 22.77 13.59
CA VAL C 256 -18.51 21.55 14.40
C VAL C 256 -19.95 21.11 14.53
N ILE C 257 -20.15 19.80 14.56
CA ILE C 257 -21.48 19.20 14.71
C ILE C 257 -21.44 18.24 15.89
N SER C 258 -22.61 18.05 16.50
CA SER C 258 -22.72 17.16 17.65
C SER C 258 -23.06 15.72 17.27
N GLN C 259 -23.48 15.48 16.03
CA GLN C 259 -23.79 14.13 15.60
C GLN C 259 -22.54 13.26 15.61
N SER C 260 -22.63 12.10 16.25
CA SER C 260 -21.52 11.18 16.38
C SER C 260 -21.94 9.79 15.88
N TYR C 261 -20.93 8.97 15.60
CA TYR C 261 -21.19 7.59 15.22
C TYR C 261 -21.77 6.81 16.41
N SER C 262 -22.34 5.65 16.11
CA SER C 262 -22.78 4.75 17.16
C SER C 262 -21.59 4.36 18.03
N SER C 263 -21.87 4.12 19.31
CA SER C 263 -20.81 3.77 20.25
C SER C 263 -20.08 2.50 19.83
N THR C 264 -20.79 1.56 19.21
CA THR C 264 -20.18 0.31 18.78
C THR C 264 -19.23 0.49 17.60
N MET C 265 -19.18 1.68 17.00
CA MET C 265 -18.31 1.94 15.86
C MET C 265 -17.27 3.02 16.12
N ALA C 266 -17.57 4.01 16.95
CA ALA C 266 -16.61 5.04 17.32
C ALA C 266 -17.10 5.72 18.60
N ASN C 267 -16.17 6.39 19.28
CA ASN C 267 -16.47 7.12 20.51
C ASN C 267 -16.28 8.63 20.33
N ASN C 268 -16.45 9.11 19.11
CA ASN C 268 -16.27 10.53 18.84
C ASN C 268 -17.39 11.34 19.49
N GLU C 269 -17.11 12.62 19.72
CA GLU C 269 -18.08 13.57 20.24
C GLU C 269 -18.50 14.57 19.17
N GLY C 270 -18.64 14.09 17.94
CA GLY C 270 -19.03 14.90 16.81
C GLY C 270 -17.96 14.91 15.74
N LEU C 271 -18.16 15.78 14.75
CA LEU C 271 -17.21 15.95 13.65
C LEU C 271 -17.03 17.44 13.38
N PHE C 272 -15.93 17.76 12.73
CA PHE C 272 -15.64 19.13 12.33
C PHE C 272 -15.41 19.21 10.82
N SER C 273 -15.66 20.40 10.29
CA SER C 273 -15.42 20.69 8.87
C SER C 273 -14.78 22.06 8.79
N LEU C 274 -13.68 22.16 8.04
CA LEU C 274 -12.97 23.42 7.91
C LEU C 274 -12.49 23.61 6.48
N VAL C 275 -12.40 24.87 6.07
CA VAL C 275 -11.74 25.27 4.83
C VAL C 275 -10.69 26.31 5.18
N ALA C 276 -9.46 26.08 4.73
CA ALA C 276 -8.34 26.97 5.01
C ALA C 276 -7.65 27.32 3.71
N ARG C 277 -6.74 28.30 3.79
CA ARG C 277 -5.94 28.73 2.66
C ARG C 277 -4.48 28.84 3.09
N LYS C 278 -3.59 28.30 2.26
CA LYS C 278 -2.16 28.32 2.57
C LYS C 278 -1.62 29.73 2.46
N LEU C 279 -0.96 30.20 3.52
CA LEU C 279 -0.40 31.54 3.54
C LEU C 279 0.73 31.67 2.52
N SER C 280 0.96 32.91 2.07
CA SER C 280 1.95 33.15 1.04
C SER C 280 3.35 32.80 1.53
N ARG C 281 3.69 33.18 2.75
CA ARG C 281 4.99 32.84 3.33
C ARG C 281 4.95 32.96 4.85
N PHE D 24 -7.88 17.10 -22.53
CA PHE D 24 -8.46 16.27 -23.56
C PHE D 24 -9.71 16.93 -24.12
N THR D 25 -9.95 16.76 -25.42
CA THR D 25 -11.08 17.40 -26.08
C THR D 25 -12.40 16.95 -25.47
N SER D 26 -13.22 17.93 -25.07
CA SER D 26 -14.51 17.66 -24.47
C SER D 26 -15.56 17.37 -25.53
N LYS D 27 -16.68 16.79 -25.10
CA LYS D 27 -17.77 16.49 -26.02
C LYS D 27 -18.39 17.76 -26.58
N ASP D 28 -18.45 18.83 -25.79
CA ASP D 28 -19.01 20.08 -26.28
C ASP D 28 -18.21 20.64 -27.44
N THR D 29 -16.90 20.37 -27.47
CA THR D 29 -16.08 20.83 -28.59
C THR D 29 -16.52 20.18 -29.90
N TYR D 30 -17.00 18.93 -29.83
CA TYR D 30 -17.48 18.27 -31.04
C TYR D 30 -18.77 18.90 -31.55
N LEU D 31 -19.62 19.43 -30.66
CA LEU D 31 -20.82 20.12 -31.13
C LEU D 31 -20.51 21.48 -31.74
N SER D 32 -19.34 22.06 -31.45
CA SER D 32 -19.06 23.42 -31.89
C SER D 32 -17.88 23.53 -32.85
N HIS D 33 -16.87 22.66 -32.75
CA HIS D 33 -15.65 22.81 -33.53
C HIS D 33 -15.40 21.66 -34.51
N PHE D 34 -16.32 20.72 -34.63
CA PHE D 34 -16.19 19.60 -35.57
C PHE D 34 -17.06 19.89 -36.80
N ASN D 35 -16.41 20.30 -37.89
CA ASN D 35 -17.13 20.60 -39.13
C ASN D 35 -17.27 19.32 -39.93
N PRO D 36 -18.48 18.80 -40.14
CA PRO D 36 -18.63 17.51 -40.84
C PRO D 36 -18.14 17.51 -42.27
N ARG D 37 -18.43 18.58 -43.03
CA ARG D 37 -18.02 18.61 -44.43
C ARG D 37 -16.52 18.77 -44.56
N ASP D 38 -15.90 19.59 -43.71
CA ASP D 38 -14.44 19.71 -43.72
C ASP D 38 -13.77 18.40 -43.39
N TYR D 39 -14.39 17.57 -42.53
CA TYR D 39 -13.84 16.26 -42.23
C TYR D 39 -13.86 15.35 -43.45
N LEU D 40 -14.99 15.33 -44.15
CA LEU D 40 -15.12 14.48 -45.34
C LEU D 40 -14.16 14.91 -46.44
N GLU D 41 -13.92 16.22 -46.57
CA GLU D 41 -13.02 16.71 -47.62
C GLU D 41 -11.57 16.32 -47.36
N LYS D 42 -11.16 16.21 -46.10
CA LYS D 42 -9.75 15.98 -45.80
C LYS D 42 -9.39 14.51 -45.67
N TYR D 43 -10.33 13.67 -45.22
CA TYR D 43 -10.04 12.26 -44.99
C TYR D 43 -10.65 11.31 -46.00
N TYR D 44 -11.76 11.69 -46.63
CA TYR D 44 -12.47 10.77 -47.52
C TYR D 44 -12.72 11.38 -48.90
N LYS D 45 -11.87 12.31 -49.32
CA LYS D 45 -12.00 12.84 -50.68
C LYS D 45 -11.60 11.81 -51.73
N PHE D 46 -10.86 10.77 -51.33
CA PHE D 46 -10.39 9.74 -52.25
C PHE D 46 -9.64 10.37 -53.43
N GLY D 47 -8.70 11.26 -53.09
CA GLY D 47 -8.01 12.02 -54.12
C GLY D 47 -7.13 11.14 -55.00
N SER D 48 -6.25 10.37 -54.38
CA SER D 48 -5.37 9.47 -55.12
C SER D 48 -4.93 8.36 -54.19
N ARG D 49 -4.68 7.18 -54.77
CA ARG D 49 -4.23 6.04 -53.98
C ARG D 49 -2.99 6.38 -53.17
N HIS D 50 -2.06 7.12 -53.77
CA HIS D 50 -0.77 7.37 -53.12
C HIS D 50 -0.93 8.13 -51.80
N SER D 51 -2.00 8.89 -51.63
CA SER D 51 -2.17 9.64 -50.40
C SER D 51 -2.38 8.68 -49.23
N ALA D 52 -1.95 9.13 -48.04
CA ALA D 52 -2.04 8.29 -46.85
C ALA D 52 -3.49 7.94 -46.53
N GLU D 53 -4.39 8.91 -46.62
CA GLU D 53 -5.77 8.71 -46.18
C GLU D 53 -6.53 7.77 -47.11
N SER D 54 -6.18 7.76 -48.40
CA SER D 54 -6.82 6.83 -49.32
C SER D 54 -6.32 5.41 -49.13
N GLN D 55 -5.04 5.22 -48.79
CA GLN D 55 -4.53 3.89 -48.47
C GLN D 55 -5.21 3.34 -47.22
N ILE D 56 -5.44 4.20 -46.22
CA ILE D 56 -6.13 3.76 -45.02
C ILE D 56 -7.58 3.42 -45.34
N LEU D 57 -8.24 4.23 -46.17
CA LEU D 57 -9.62 3.95 -46.54
C LEU D 57 -9.74 2.62 -47.28
N LYS D 58 -8.81 2.34 -48.20
CA LYS D 58 -8.88 1.09 -48.96
C LYS D 58 -8.72 -0.12 -48.05
N HIS D 59 -7.83 -0.03 -47.05
CA HIS D 59 -7.64 -1.16 -46.15
C HIS D 59 -8.84 -1.34 -45.24
N LEU D 60 -9.46 -0.24 -44.80
CA LEU D 60 -10.67 -0.35 -43.99
C LEU D 60 -11.79 -1.02 -44.77
N LEU D 61 -11.95 -0.66 -46.05
CA LEU D 61 -12.99 -1.27 -46.87
C LEU D 61 -12.71 -2.76 -47.09
N LYS D 62 -11.45 -3.14 -47.26
CA LYS D 62 -11.13 -4.54 -47.50
C LYS D 62 -11.34 -5.38 -46.25
N ASN D 63 -11.03 -4.83 -45.07
CA ASN D 63 -11.30 -5.56 -43.84
C ASN D 63 -12.79 -5.70 -43.60
N LEU D 64 -13.55 -4.63 -43.80
CA LEU D 64 -15.00 -4.69 -43.65
C LEU D 64 -15.62 -5.67 -44.65
N PHE D 65 -15.07 -5.72 -45.87
CA PHE D 65 -15.53 -6.69 -46.85
C PHE D 65 -15.32 -8.11 -46.37
N LYS D 66 -14.12 -8.40 -45.84
CA LYS D 66 -13.82 -9.75 -45.38
C LYS D 66 -14.67 -10.12 -44.16
N ILE D 67 -14.95 -9.14 -43.29
CA ILE D 67 -15.68 -9.43 -42.05
C ILE D 67 -17.12 -9.81 -42.35
N PHE D 68 -17.81 -8.99 -43.15
CA PHE D 68 -19.24 -9.19 -43.33
C PHE D 68 -19.56 -10.12 -44.50
N CYS D 69 -18.71 -10.20 -45.51
CA CYS D 69 -18.98 -11.04 -46.68
C CYS D 69 -18.19 -12.34 -46.67
N LEU D 70 -16.88 -12.29 -46.39
CA LEU D 70 -16.07 -13.50 -46.43
C LEU D 70 -16.19 -14.33 -45.16
N ASP D 71 -16.19 -13.68 -43.99
CA ASP D 71 -16.31 -14.41 -42.73
C ASP D 71 -17.75 -14.72 -42.35
N GLY D 72 -18.73 -14.10 -43.00
CA GLY D 72 -20.12 -14.38 -42.69
C GLY D 72 -20.63 -13.79 -41.40
N VAL D 73 -20.27 -12.54 -41.08
CA VAL D 73 -20.80 -11.87 -39.91
C VAL D 73 -22.13 -11.24 -40.33
N LYS D 74 -23.22 -11.93 -40.04
CA LYS D 74 -24.55 -11.57 -40.50
C LYS D 74 -25.48 -11.44 -39.31
N GLY D 75 -26.70 -10.99 -39.58
CA GLY D 75 -27.72 -10.93 -38.55
C GLY D 75 -28.87 -10.06 -39.00
N ASP D 76 -29.74 -9.75 -38.03
CA ASP D 76 -30.91 -8.92 -38.29
C ASP D 76 -30.63 -7.45 -38.04
N LEU D 77 -29.99 -7.12 -36.92
CA LEU D 77 -29.78 -5.74 -36.51
C LEU D 77 -28.29 -5.46 -36.32
N LEU D 78 -27.80 -4.41 -36.97
CA LEU D 78 -26.45 -3.92 -36.77
C LEU D 78 -26.52 -2.48 -36.27
N ILE D 79 -25.78 -2.17 -35.21
CA ILE D 79 -25.72 -0.82 -34.66
C ILE D 79 -24.33 -0.27 -34.92
N ASP D 80 -24.26 0.88 -35.59
CA ASP D 80 -23.00 1.56 -35.87
C ASP D 80 -22.82 2.69 -34.86
N ILE D 81 -21.71 2.65 -34.12
CA ILE D 81 -21.47 3.57 -33.03
C ILE D 81 -20.43 4.61 -33.47
N GLY D 82 -20.77 5.88 -33.28
CA GLY D 82 -19.86 6.95 -33.64
C GLY D 82 -19.57 7.06 -35.12
N SER D 83 -20.60 6.92 -35.97
CA SER D 83 -20.39 6.89 -37.40
C SER D 83 -19.93 8.23 -37.95
N GLY D 84 -20.29 9.33 -37.30
CA GLY D 84 -20.01 10.64 -37.83
C GLY D 84 -20.75 10.90 -39.12
N PRO D 85 -20.15 11.64 -40.04
CA PRO D 85 -20.77 11.91 -41.34
C PRO D 85 -20.44 10.89 -42.43
N THR D 86 -19.88 9.73 -42.09
CA THR D 86 -19.39 8.78 -43.06
C THR D 86 -20.34 7.59 -43.21
N ILE D 87 -20.34 7.01 -44.41
CA ILE D 87 -21.11 5.81 -44.69
C ILE D 87 -20.28 4.69 -45.30
N TYR D 88 -18.97 4.88 -45.46
CA TYR D 88 -18.14 3.85 -46.07
C TYR D 88 -18.15 2.56 -45.27
N GLN D 89 -18.24 2.65 -43.94
CA GLN D 89 -18.17 1.49 -43.08
C GLN D 89 -19.43 0.63 -43.11
N LEU D 90 -20.44 1.02 -43.89
CA LEU D 90 -21.70 0.29 -43.94
C LEU D 90 -21.98 -0.34 -45.31
N LEU D 91 -21.09 -0.15 -46.27
CA LEU D 91 -21.39 -0.61 -47.64
C LEU D 91 -21.41 -2.14 -47.72
N SER D 92 -20.41 -2.81 -47.17
CA SER D 92 -20.42 -4.26 -47.16
C SER D 92 -21.38 -4.83 -46.11
N ALA D 93 -21.59 -4.10 -45.01
CA ALA D 93 -22.40 -4.61 -43.91
C ALA D 93 -23.88 -4.70 -44.29
N CYS D 94 -24.35 -3.83 -45.19
CA CYS D 94 -25.75 -3.87 -45.58
C CYS D 94 -26.10 -5.10 -46.41
N GLU D 95 -25.10 -5.83 -46.93
CA GLU D 95 -25.35 -7.09 -47.61
C GLU D 95 -25.53 -8.25 -46.64
N SER D 96 -25.04 -8.11 -45.41
CA SER D 96 -25.10 -9.17 -44.42
C SER D 96 -26.11 -8.92 -43.32
N PHE D 97 -26.60 -7.69 -43.17
CA PHE D 97 -27.55 -7.35 -42.12
C PHE D 97 -28.82 -6.81 -42.74
N LYS D 98 -29.96 -7.26 -42.23
CA LYS D 98 -31.23 -6.72 -42.70
C LYS D 98 -31.49 -5.33 -42.14
N GLU D 99 -31.06 -5.04 -40.90
CA GLU D 99 -31.32 -3.75 -40.29
C GLU D 99 -30.03 -3.13 -39.74
N ILE D 100 -29.86 -1.84 -40.01
CA ILE D 100 -28.70 -1.06 -39.58
C ILE D 100 -29.19 0.22 -38.90
N VAL D 101 -28.63 0.49 -37.73
CA VAL D 101 -28.89 1.73 -36.98
C VAL D 101 -27.57 2.48 -36.86
N VAL D 102 -27.56 3.73 -37.30
CA VAL D 102 -26.36 4.56 -37.30
C VAL D 102 -26.49 5.61 -36.20
N THR D 103 -25.40 5.81 -35.46
CA THR D 103 -25.41 6.68 -34.30
C THR D 103 -24.14 7.51 -34.25
N ASP D 104 -24.26 8.70 -33.66
CA ASP D 104 -23.12 9.58 -33.42
C ASP D 104 -23.52 10.59 -32.35
N TYR D 105 -22.51 11.17 -31.70
CA TYR D 105 -22.81 12.15 -30.65
C TYR D 105 -23.11 13.53 -31.23
N SER D 106 -22.43 13.91 -32.30
CA SER D 106 -22.60 15.23 -32.88
C SER D 106 -23.86 15.28 -33.73
N ASP D 107 -24.78 16.20 -33.39
CA ASP D 107 -25.97 16.39 -34.20
C ASP D 107 -25.62 17.00 -35.55
N GLN D 108 -24.46 17.65 -35.66
CA GLN D 108 -24.02 18.17 -36.96
C GLN D 108 -23.58 17.05 -37.89
N ASN D 109 -23.04 15.96 -37.33
CA ASN D 109 -22.66 14.82 -38.16
C ASN D 109 -23.88 14.04 -38.62
N LEU D 110 -24.86 13.86 -37.74
CA LEU D 110 -26.08 13.14 -38.12
C LEU D 110 -26.84 13.87 -39.21
N GLN D 111 -26.83 15.20 -39.21
CA GLN D 111 -27.50 15.95 -40.25
C GLN D 111 -26.80 15.79 -41.60
N GLU D 112 -25.47 15.80 -41.60
CA GLU D 112 -24.74 15.56 -42.84
C GLU D 112 -24.96 14.13 -43.33
N LEU D 113 -25.10 13.18 -42.41
CA LEU D 113 -25.33 11.80 -42.80
C LEU D 113 -26.72 11.61 -43.41
N GLU D 114 -27.70 12.37 -42.93
CA GLU D 114 -29.06 12.26 -43.47
C GLU D 114 -29.21 12.94 -44.84
N LYS D 115 -28.33 13.89 -45.17
CA LYS D 115 -28.38 14.51 -46.49
C LYS D 115 -28.02 13.50 -47.58
N TRP D 116 -27.12 12.56 -47.29
CA TRP D 116 -26.80 11.53 -48.28
C TRP D 116 -27.88 10.47 -48.33
N LEU D 117 -28.53 10.18 -47.20
CA LEU D 117 -29.62 9.21 -47.19
C LEU D 117 -30.81 9.73 -48.00
N LYS D 118 -31.07 11.03 -47.95
CA LYS D 118 -32.13 11.62 -48.77
C LYS D 118 -31.68 11.89 -50.19
N ALA D 119 -30.43 11.56 -50.54
CA ALA D 119 -29.89 11.73 -51.88
C ALA D 119 -29.97 13.18 -52.34
N ALA D 120 -29.67 14.11 -51.44
CA ALA D 120 -29.64 15.51 -51.82
C ALA D 120 -28.47 15.77 -52.76
N PRO D 121 -28.62 16.69 -53.71
CA PRO D 121 -27.52 16.96 -54.64
C PRO D 121 -26.29 17.55 -53.98
N ALA D 122 -26.46 18.25 -52.86
CA ALA D 122 -25.33 18.84 -52.14
C ALA D 122 -24.66 17.86 -51.19
N ALA D 123 -25.10 16.61 -51.16
CA ALA D 123 -24.51 15.61 -50.27
C ALA D 123 -23.10 15.25 -50.75
N PHE D 124 -22.35 14.61 -49.86
CA PHE D 124 -21.00 14.22 -50.18
C PHE D 124 -21.00 13.14 -51.27
N ASP D 125 -19.95 13.13 -52.08
CA ASP D 125 -19.83 12.20 -53.21
C ASP D 125 -19.07 10.97 -52.74
N TRP D 126 -19.80 9.89 -52.49
CA TRP D 126 -19.21 8.61 -52.10
C TRP D 126 -19.09 7.65 -53.28
N SER D 127 -19.38 8.10 -54.50
CA SER D 127 -19.40 7.20 -55.64
C SER D 127 -18.06 6.52 -55.92
N PRO D 128 -16.89 7.17 -55.79
CA PRO D 128 -15.64 6.41 -55.95
C PRO D 128 -15.44 5.36 -54.87
N VAL D 129 -15.95 5.60 -53.67
CA VAL D 129 -15.87 4.60 -52.61
C VAL D 129 -16.88 3.48 -52.86
N VAL D 130 -18.07 3.83 -53.35
CA VAL D 130 -19.08 2.82 -53.65
C VAL D 130 -18.61 1.91 -54.77
N THR D 131 -17.97 2.48 -55.80
CA THR D 131 -17.47 1.68 -56.91
C THR D 131 -16.40 0.71 -56.43
N TYR D 132 -15.54 1.15 -55.51
CA TYR D 132 -14.48 0.29 -54.99
C TYR D 132 -15.05 -0.92 -54.27
N VAL D 133 -16.09 -0.72 -53.46
CA VAL D 133 -16.70 -1.83 -52.73
C VAL D 133 -17.41 -2.78 -53.70
N CYS D 134 -18.02 -2.24 -54.75
CA CYS D 134 -18.64 -3.08 -55.77
C CYS D 134 -17.60 -3.93 -56.48
N ASP D 135 -16.41 -3.38 -56.72
CA ASP D 135 -15.34 -4.15 -57.35
C ASP D 135 -14.82 -5.23 -56.42
N LEU D 136 -14.80 -4.98 -55.11
CA LEU D 136 -14.39 -6.00 -54.16
C LEU D 136 -15.39 -7.16 -54.10
N GLU D 137 -16.68 -6.86 -54.26
CA GLU D 137 -17.73 -7.86 -54.15
C GLU D 137 -18.03 -8.56 -55.46
N GLY D 138 -17.14 -8.45 -56.45
CA GLY D 138 -17.30 -9.16 -57.70
C GLY D 138 -18.11 -8.46 -58.77
N ASN D 139 -18.43 -7.17 -58.58
CA ASN D 139 -19.20 -6.39 -59.54
C ASN D 139 -20.56 -7.03 -59.81
N ARG D 140 -21.18 -7.57 -58.76
CA ARG D 140 -22.50 -8.16 -58.90
C ARG D 140 -23.58 -7.09 -59.09
N VAL D 141 -23.38 -5.91 -58.50
CA VAL D 141 -24.33 -4.82 -58.58
C VAL D 141 -23.64 -3.57 -59.10
N LYS D 142 -24.43 -2.54 -59.38
CA LYS D 142 -23.93 -1.27 -59.86
C LYS D 142 -23.90 -0.26 -58.71
N GLY D 143 -23.44 0.95 -59.02
CA GLY D 143 -23.34 2.01 -58.05
C GLY D 143 -24.66 2.35 -57.37
N PRO D 144 -25.64 2.81 -58.16
CA PRO D 144 -26.94 3.17 -57.57
C PRO D 144 -27.62 2.03 -56.83
N GLU D 145 -27.54 0.81 -57.36
CA GLU D 145 -28.16 -0.33 -56.68
C GLU D 145 -27.46 -0.62 -55.35
N LYS D 146 -26.15 -0.42 -55.30
CA LYS D 146 -25.43 -0.60 -54.04
C LYS D 146 -25.82 0.46 -53.02
N GLU D 147 -25.91 1.72 -53.45
CA GLU D 147 -26.30 2.79 -52.55
C GLU D 147 -27.74 2.63 -52.08
N GLU D 148 -28.63 2.23 -52.98
CA GLU D 148 -30.04 2.10 -52.61
C GLU D 148 -30.25 1.01 -51.57
N LYS D 149 -29.46 -0.08 -51.63
CA LYS D 149 -29.59 -1.11 -50.61
C LYS D 149 -29.14 -0.60 -49.24
N LEU D 150 -28.13 0.28 -49.22
CA LEU D 150 -27.71 0.87 -47.95
C LEU D 150 -28.78 1.81 -47.40
N ARG D 151 -29.38 2.62 -48.28
CA ARG D 151 -30.45 3.51 -47.84
C ARG D 151 -31.66 2.71 -47.35
N GLN D 152 -31.94 1.57 -47.98
CA GLN D 152 -32.88 0.62 -47.39
C GLN D 152 -32.38 0.15 -46.03
N ALA D 153 -31.08 -0.12 -45.91
CA ALA D 153 -30.53 -0.79 -44.75
C ALA D 153 -30.43 0.13 -43.53
N VAL D 154 -30.36 1.44 -43.72
CA VAL D 154 -30.37 2.37 -42.59
C VAL D 154 -31.82 2.59 -42.17
N LYS D 155 -32.18 2.12 -40.97
CA LYS D 155 -33.54 2.28 -40.47
C LYS D 155 -33.70 3.33 -39.39
N GLN D 156 -32.61 3.82 -38.81
CA GLN D 156 -32.74 4.84 -37.77
C GLN D 156 -31.42 5.58 -37.67
N VAL D 157 -31.51 6.88 -37.41
CA VAL D 157 -30.33 7.73 -37.20
C VAL D 157 -30.52 8.40 -35.85
N LEU D 158 -29.71 7.98 -34.87
CA LEU D 158 -29.90 8.39 -33.49
C LEU D 158 -28.63 9.02 -32.93
N LYS D 159 -28.80 9.75 -31.83
CA LYS D 159 -27.69 10.31 -31.07
C LYS D 159 -27.23 9.30 -30.01
N CYS D 160 -25.91 9.20 -29.85
CA CYS D 160 -25.35 8.23 -28.93
C CYS D 160 -24.22 8.88 -28.13
N ASP D 161 -23.90 8.26 -27.00
CA ASP D 161 -22.76 8.67 -26.16
C ASP D 161 -22.15 7.40 -25.61
N VAL D 162 -20.92 7.09 -26.03
CA VAL D 162 -20.27 5.84 -25.62
C VAL D 162 -19.94 5.81 -24.15
N THR D 163 -19.89 6.97 -23.48
CA THR D 163 -19.50 7.02 -22.08
C THR D 163 -20.65 6.75 -21.12
N GLN D 164 -21.88 6.65 -21.61
CA GLN D 164 -23.04 6.44 -20.76
C GLN D 164 -23.43 4.96 -20.73
N SER D 165 -23.97 4.53 -19.58
CA SER D 165 -24.39 3.14 -19.43
C SER D 165 -25.40 2.75 -20.52
N GLN D 166 -26.34 3.63 -20.83
CA GLN D 166 -27.23 3.46 -21.96
C GLN D 166 -26.72 4.34 -23.10
N PRO D 167 -25.93 3.81 -24.03
CA PRO D 167 -25.34 4.68 -25.06
C PRO D 167 -26.36 5.38 -25.94
N LEU D 168 -27.53 4.77 -26.15
CA LEU D 168 -28.55 5.33 -27.02
C LEU D 168 -29.64 6.06 -26.25
N GLY D 169 -29.48 6.21 -24.94
CA GLY D 169 -30.48 6.93 -24.16
C GLY D 169 -31.68 6.05 -23.86
N ALA D 170 -32.88 6.58 -24.09
CA ALA D 170 -34.11 5.89 -23.77
C ALA D 170 -34.78 5.24 -24.97
N VAL D 171 -34.15 5.26 -26.14
CA VAL D 171 -34.77 4.65 -27.32
C VAL D 171 -34.77 3.14 -27.18
N PRO D 172 -35.92 2.48 -27.30
CA PRO D 172 -35.96 1.02 -27.13
C PRO D 172 -35.51 0.32 -28.42
N LEU D 173 -34.48 -0.50 -28.31
CA LEU D 173 -34.01 -1.30 -29.43
C LEU D 173 -33.89 -2.75 -29.01
N PRO D 174 -34.24 -3.69 -29.89
CA PRO D 174 -34.02 -5.11 -29.60
C PRO D 174 -32.55 -5.42 -29.54
N PRO D 175 -32.15 -6.49 -28.84
CA PRO D 175 -30.72 -6.83 -28.77
C PRO D 175 -30.14 -7.06 -30.16
N ALA D 176 -29.05 -6.34 -30.44
CA ALA D 176 -28.47 -6.35 -31.77
C ALA D 176 -27.56 -7.56 -31.96
N ASP D 177 -27.37 -7.93 -33.23
CA ASP D 177 -26.48 -9.03 -33.58
C ASP D 177 -25.03 -8.58 -33.68
N CYS D 178 -24.79 -7.31 -33.96
CA CYS D 178 -23.43 -6.81 -34.12
C CYS D 178 -23.37 -5.33 -33.78
N VAL D 179 -22.26 -4.92 -33.19
CA VAL D 179 -21.96 -3.52 -32.93
C VAL D 179 -20.69 -3.17 -33.68
N LEU D 180 -20.78 -2.14 -34.53
CA LEU D 180 -19.66 -1.68 -35.34
C LEU D 180 -19.25 -0.28 -34.90
N SER D 181 -17.94 -0.03 -34.85
CA SER D 181 -17.42 1.26 -34.46
C SER D 181 -16.06 1.47 -35.09
N THR D 182 -15.94 2.47 -35.96
CA THR D 182 -14.70 2.78 -36.65
C THR D 182 -14.23 4.17 -36.28
N LEU D 183 -13.02 4.26 -35.72
CA LEU D 183 -12.34 5.53 -35.48
C LEU D 183 -13.11 6.44 -34.52
N CYS D 184 -13.77 5.85 -33.53
CA CYS D 184 -14.58 6.62 -32.59
C CYS D 184 -14.09 6.53 -31.16
N LEU D 185 -13.72 5.34 -30.69
CA LEU D 185 -13.42 5.15 -29.28
C LEU D 185 -12.16 5.89 -28.85
N ASP D 186 -11.15 5.96 -29.72
CA ASP D 186 -9.91 6.67 -29.38
C ASP D 186 -10.18 8.16 -29.17
N ALA D 187 -11.09 8.73 -29.94
CA ALA D 187 -11.37 10.16 -29.83
C ALA D 187 -12.37 10.48 -28.73
N ALA D 188 -13.18 9.52 -28.31
CA ALA D 188 -14.23 9.75 -27.33
C ALA D 188 -13.82 9.42 -25.90
N CYS D 189 -12.66 8.78 -25.71
CA CYS D 189 -12.25 8.32 -24.39
C CYS D 189 -10.97 9.04 -23.97
N PRO D 190 -10.98 9.81 -22.88
CA PRO D 190 -9.76 10.51 -22.46
C PRO D 190 -8.71 9.61 -21.84
N ASP D 191 -9.09 8.44 -21.32
CA ASP D 191 -8.15 7.54 -20.69
C ASP D 191 -8.58 6.10 -20.95
N LEU D 192 -7.76 5.16 -20.52
CA LEU D 192 -8.01 3.73 -20.74
C LEU D 192 -9.18 3.21 -19.91
N PRO D 193 -9.35 3.61 -18.64
CA PRO D 193 -10.56 3.18 -17.93
C PRO D 193 -11.85 3.60 -18.61
N THR D 194 -11.92 4.82 -19.14
CA THR D 194 -13.08 5.24 -19.90
C THR D 194 -13.22 4.42 -21.17
N TYR D 195 -12.09 4.06 -21.79
CA TYR D 195 -12.11 3.18 -22.95
C TYR D 195 -12.75 1.84 -22.60
N CYS D 196 -12.38 1.27 -21.45
CA CYS D 196 -12.94 -0.02 -21.05
C CYS D 196 -14.42 0.10 -20.69
N ARG D 197 -14.80 1.18 -19.99
CA ARG D 197 -16.20 1.35 -19.63
C ARG D 197 -17.07 1.53 -20.86
N ALA D 198 -16.56 2.26 -21.86
CA ALA D 198 -17.30 2.44 -23.10
C ALA D 198 -17.57 1.10 -23.78
N LEU D 199 -16.59 0.20 -23.75
CA LEU D 199 -16.78 -1.13 -24.32
C LEU D 199 -17.87 -1.90 -23.58
N ARG D 200 -17.94 -1.75 -22.25
CA ARG D 200 -19.02 -2.40 -21.51
C ARG D 200 -20.38 -1.82 -21.89
N ASN D 201 -20.45 -0.50 -22.07
CA ASN D 201 -21.73 0.13 -22.41
C ASN D 201 -22.22 -0.34 -23.77
N LEU D 202 -21.31 -0.47 -24.74
CA LEU D 202 -21.69 -1.00 -26.05
C LEU D 202 -22.19 -2.44 -25.95
N GLY D 203 -21.68 -3.21 -24.98
CA GLY D 203 -22.13 -4.57 -24.81
C GLY D 203 -23.58 -4.69 -24.39
N SER D 204 -24.12 -3.65 -23.75
CA SER D 204 -25.53 -3.65 -23.37
C SER D 204 -26.45 -3.64 -24.58
N LEU D 205 -25.94 -3.36 -25.78
CA LEU D 205 -26.71 -3.40 -27.01
C LEU D 205 -26.59 -4.73 -27.75
N LEU D 206 -25.74 -5.64 -27.27
CA LEU D 206 -25.45 -6.88 -27.98
C LEU D 206 -26.17 -8.06 -27.36
N LYS D 207 -26.53 -9.02 -28.22
CA LYS D 207 -26.99 -10.32 -27.76
C LYS D 207 -25.84 -11.06 -27.08
N PRO D 208 -26.15 -12.02 -26.21
CA PRO D 208 -25.10 -12.92 -25.72
C PRO D 208 -24.48 -13.69 -26.88
N GLY D 209 -23.20 -13.44 -27.12
CA GLY D 209 -22.52 -14.01 -28.26
C GLY D 209 -22.52 -13.15 -29.50
N GLY D 210 -23.03 -11.93 -29.42
CA GLY D 210 -23.02 -11.04 -30.57
C GLY D 210 -21.64 -10.53 -30.88
N PHE D 211 -21.50 -10.00 -32.10
CA PHE D 211 -20.20 -9.59 -32.62
C PHE D 211 -19.91 -8.13 -32.28
N LEU D 212 -18.63 -7.85 -32.03
CA LEU D 212 -18.14 -6.50 -31.80
C LEU D 212 -17.01 -6.25 -32.79
N VAL D 213 -17.22 -5.32 -33.72
CA VAL D 213 -16.25 -4.98 -34.76
C VAL D 213 -15.74 -3.58 -34.50
N ILE D 214 -14.44 -3.47 -34.26
CA ILE D 214 -13.80 -2.19 -33.93
C ILE D 214 -12.60 -1.97 -34.82
N MET D 215 -12.47 -0.77 -35.36
CA MET D 215 -11.31 -0.34 -36.12
C MET D 215 -10.95 1.07 -35.68
N ASP D 216 -9.69 1.28 -35.30
CA ASP D 216 -9.29 2.58 -34.78
C ASP D 216 -7.79 2.75 -34.97
N ALA D 217 -7.30 3.94 -34.64
CA ALA D 217 -5.89 4.26 -34.79
C ALA D 217 -5.07 3.72 -33.61
N LEU D 218 -3.78 3.58 -33.85
CA LEU D 218 -2.84 3.10 -32.84
C LEU D 218 -1.85 4.21 -32.52
N LYS D 219 -1.61 4.44 -31.22
CA LYS D 219 -0.62 5.41 -30.75
C LYS D 219 -0.89 6.81 -31.30
N SER D 220 -2.16 7.18 -31.41
CA SER D 220 -2.56 8.48 -31.93
C SER D 220 -2.97 9.37 -30.78
N SER D 221 -2.31 10.52 -30.66
CA SER D 221 -2.65 11.50 -29.63
C SER D 221 -3.46 12.68 -30.17
N TYR D 222 -3.58 12.82 -31.49
CA TYR D 222 -4.40 13.88 -32.07
C TYR D 222 -4.69 13.55 -33.52
N TYR D 223 -5.71 14.21 -34.06
CA TYR D 223 -5.98 14.23 -35.49
C TYR D 223 -6.51 15.61 -35.85
N MET D 224 -6.26 16.02 -37.08
CA MET D 224 -6.46 17.39 -37.51
C MET D 224 -7.65 17.52 -38.45
N ILE D 225 -8.41 18.59 -38.28
CA ILE D 225 -9.42 19.03 -39.24
C ILE D 225 -8.99 20.43 -39.67
N GLY D 226 -8.20 20.51 -40.74
CA GLY D 226 -7.58 21.76 -41.10
C GLY D 226 -6.60 22.19 -40.04
N GLU D 227 -6.89 23.30 -39.37
CA GLU D 227 -6.11 23.74 -38.22
C GLU D 227 -6.81 23.44 -36.90
N GLN D 228 -7.87 22.64 -36.93
CA GLN D 228 -8.59 22.26 -35.72
C GLN D 228 -8.01 20.94 -35.21
N LYS D 229 -7.58 20.92 -33.95
CA LYS D 229 -7.03 19.71 -33.34
C LYS D 229 -8.04 19.10 -32.39
N PHE D 230 -8.24 17.79 -32.52
CA PHE D 230 -9.07 17.01 -31.60
C PHE D 230 -8.20 15.97 -30.92
N SER D 231 -8.50 15.69 -29.65
CA SER D 231 -7.68 14.79 -28.87
C SER D 231 -7.90 13.34 -29.29
N SER D 232 -6.94 12.49 -28.94
CA SER D 232 -7.02 11.06 -29.21
C SER D 232 -6.22 10.32 -28.15
N LEU D 233 -6.73 9.16 -27.75
CA LEU D 233 -6.04 8.35 -26.76
C LEU D 233 -4.95 7.53 -27.44
N PRO D 234 -3.67 7.73 -27.08
CA PRO D 234 -2.57 6.99 -27.73
C PRO D 234 -2.47 5.55 -27.22
N LEU D 235 -3.33 4.70 -27.76
CA LEU D 235 -3.42 3.31 -27.31
C LEU D 235 -2.48 2.42 -28.11
N GLY D 236 -1.80 1.52 -27.40
CA GLY D 236 -1.08 0.45 -28.03
C GLY D 236 -1.95 -0.79 -28.17
N ARG D 237 -1.50 -1.71 -29.02
CA ARG D 237 -2.29 -2.91 -29.27
C ARG D 237 -2.48 -3.73 -28.01
N GLU D 238 -1.51 -3.71 -27.10
CA GLU D 238 -1.67 -4.43 -25.83
C GLU D 238 -2.76 -3.80 -24.97
N ALA D 239 -2.84 -2.47 -24.96
CA ALA D 239 -3.86 -1.81 -24.15
C ALA D 239 -5.26 -2.07 -24.71
N VAL D 240 -5.38 -2.16 -26.03
CA VAL D 240 -6.68 -2.45 -26.64
C VAL D 240 -7.14 -3.85 -26.27
N GLU D 241 -6.23 -4.83 -26.36
CA GLU D 241 -6.59 -6.21 -26.03
C GLU D 241 -7.01 -6.34 -24.57
N ALA D 242 -6.29 -5.65 -23.67
CA ALA D 242 -6.63 -5.73 -22.25
C ALA D 242 -7.98 -5.09 -21.97
N ALA D 243 -8.28 -3.95 -22.61
CA ALA D 243 -9.56 -3.28 -22.38
C ALA D 243 -10.72 -4.10 -22.95
N VAL D 244 -10.52 -4.71 -24.12
CA VAL D 244 -11.60 -5.50 -24.73
C VAL D 244 -11.91 -6.72 -23.89
N LYS D 245 -10.88 -7.45 -23.45
CA LYS D 245 -11.10 -8.65 -22.64
C LYS D 245 -11.66 -8.30 -21.27
N GLU D 246 -11.16 -7.22 -20.66
CA GLU D 246 -11.68 -6.83 -19.35
C GLU D 246 -13.14 -6.41 -19.41
N ALA D 247 -13.57 -5.83 -20.53
CA ALA D 247 -14.95 -5.41 -20.70
C ALA D 247 -15.91 -6.56 -20.96
N GLY D 248 -15.42 -7.79 -21.01
CA GLY D 248 -16.25 -8.95 -21.18
C GLY D 248 -16.36 -9.51 -22.57
N TYR D 249 -15.32 -9.40 -23.39
CA TYR D 249 -15.32 -9.95 -24.74
C TYR D 249 -14.19 -10.95 -24.90
N THR D 250 -14.36 -11.85 -25.88
CA THR D 250 -13.29 -12.72 -26.34
C THR D 250 -12.98 -12.36 -27.79
N ILE D 251 -11.71 -12.12 -28.08
CA ILE D 251 -11.28 -11.64 -29.39
C ILE D 251 -11.10 -12.83 -30.33
N GLU D 252 -11.83 -12.80 -31.45
CA GLU D 252 -11.69 -13.85 -32.46
C GLU D 252 -10.45 -13.64 -33.31
N TRP D 253 -10.19 -12.41 -33.75
CA TRP D 253 -8.94 -12.11 -34.43
C TRP D 253 -8.64 -10.63 -34.28
N PHE D 254 -7.34 -10.30 -34.36
CA PHE D 254 -6.85 -8.95 -34.13
C PHE D 254 -5.74 -8.68 -35.14
N GLU D 255 -5.91 -7.64 -35.94
CA GLU D 255 -4.94 -7.27 -36.97
C GLU D 255 -4.48 -5.84 -36.76
N VAL D 256 -3.19 -5.60 -36.96
CA VAL D 256 -2.60 -4.27 -36.88
C VAL D 256 -1.88 -4.00 -38.20
N ILE D 257 -1.94 -2.77 -38.66
CA ILE D 257 -1.25 -2.35 -39.87
C ILE D 257 -0.35 -1.16 -39.54
N SER D 258 0.72 -1.01 -40.32
CA SER D 258 1.66 0.07 -40.09
C SER D 258 1.29 1.35 -40.83
N GLN D 259 0.40 1.27 -41.82
CA GLN D 259 0.00 2.45 -42.58
C GLN D 259 -0.63 3.48 -41.66
N SER D 260 -0.12 4.72 -41.76
CA SER D 260 -0.56 5.81 -40.90
C SER D 260 -1.09 6.96 -41.76
N TYR D 261 -1.79 7.88 -41.10
CA TYR D 261 -2.22 9.10 -41.75
C TYR D 261 -1.01 10.00 -42.05
N SER D 262 -1.24 11.00 -42.89
CA SER D 262 -0.22 12.01 -43.14
C SER D 262 0.11 12.76 -41.85
N SER D 263 1.38 13.13 -41.71
CA SER D 263 1.84 13.78 -40.49
C SER D 263 1.10 15.09 -40.24
N THR D 264 0.71 15.79 -41.31
CA THR D 264 -0.07 17.02 -41.19
C THR D 264 -1.51 16.78 -40.75
N MET D 265 -1.93 15.53 -40.56
CA MET D 265 -3.33 15.25 -40.24
C MET D 265 -3.48 14.42 -38.98
N ALA D 266 -2.51 13.55 -38.69
CA ALA D 266 -2.55 12.74 -37.48
C ALA D 266 -1.17 12.17 -37.22
N ASN D 267 -0.90 11.90 -35.95
CA ASN D 267 0.38 11.35 -35.51
C ASN D 267 0.29 9.86 -35.18
N ASN D 268 -0.65 9.15 -35.79
CA ASN D 268 -0.84 7.74 -35.50
C ASN D 268 0.34 6.94 -36.04
N GLU D 269 0.53 5.75 -35.47
CA GLU D 269 1.55 4.81 -35.91
C GLU D 269 0.90 3.54 -36.44
N GLY D 270 -0.17 3.71 -37.21
CA GLY D 270 -0.91 2.59 -37.77
C GLY D 270 -2.31 2.50 -37.21
N LEU D 271 -3.01 1.45 -37.62
CA LEU D 271 -4.38 1.18 -37.18
C LEU D 271 -4.51 -0.28 -36.80
N PHE D 272 -5.61 -0.60 -36.11
CA PHE D 272 -5.91 -1.97 -35.74
C PHE D 272 -7.34 -2.31 -36.15
N SER D 273 -7.57 -3.61 -36.33
CA SER D 273 -8.90 -4.15 -36.59
C SER D 273 -9.07 -5.39 -35.73
N LEU D 274 -10.25 -5.53 -35.12
CA LEU D 274 -10.54 -6.68 -34.29
C LEU D 274 -12.00 -7.07 -34.42
N VAL D 275 -12.25 -8.36 -34.28
CA VAL D 275 -13.60 -8.90 -34.16
C VAL D 275 -13.66 -9.68 -32.86
N ALA D 276 -14.62 -9.34 -32.01
CA ALA D 276 -14.80 -9.99 -30.73
C ALA D 276 -16.25 -10.43 -30.58
N ARG D 277 -16.49 -11.29 -29.60
CA ARG D 277 -17.84 -11.76 -29.31
C ARG D 277 -18.11 -11.56 -27.82
N LYS D 278 -19.34 -11.16 -27.51
CA LYS D 278 -19.72 -10.87 -26.15
C LYS D 278 -19.83 -12.15 -25.33
N LEU D 279 -19.22 -12.13 -24.14
CA LEU D 279 -19.25 -13.29 -23.26
C LEU D 279 -20.57 -13.31 -22.47
N SER D 280 -20.68 -14.25 -21.55
CA SER D 280 -21.86 -14.34 -20.70
C SER D 280 -21.46 -14.44 -19.22
C1 N37 E . 16.98 -0.72 -14.63
C2 N37 E . 19.06 -0.49 -15.26
C3 N37 E . 17.46 -0.07 -16.86
C4 N37 E . 16.51 -0.35 -15.93
C5 N37 E . 14.77 -0.76 -14.60
C6 N37 E . 15.94 -1.29 -12.63
C7 N37 E . 14.95 -0.55 -11.81
C8 N37 E . 14.67 -1.43 -10.67
C9 N37 E . 15.10 -2.81 -11.06
C10 N37 E . 13.95 -3.75 -10.96
C11 N37 E . 13.82 -4.25 -9.52
C12 N37 E . 15.19 -4.70 -9.00
C13 N37 E . 15.01 -5.59 -7.78
C14 N37 E . 16.36 -5.91 -7.14
C15 N37 E . 16.23 -7.19 -6.31
C16 N37 E . 12.87 -5.45 -9.49
C17 N37 E . 12.14 -6.38 -9.50
C18 N37 E . 11.18 -7.57 -9.53
C19 N37 E . 10.72 -8.13 -8.36
C20 N37 E . 9.86 -9.21 -8.40
C21 N37 E . 9.48 -9.75 -9.62
C22 N37 E . 9.95 -9.19 -10.80
C23 N37 E . 10.81 -8.11 -10.75
C24 N37 E . 9.53 -9.77 -12.15
N1 N37 E . 15.89 -0.91 -14.00
N2 N37 E . 18.24 -0.79 -14.25
N3 N37 E . 18.73 -0.15 -16.52
N4 N37 E . 17.09 0.30 -18.22
N5 N37 E . 14.98 -0.40 -15.90
N6 N37 E . 17.37 -6.08 -8.16
N7 N37 E . 10.38 -9.59 -13.31
O1 N37 E . 15.59 -2.71 -12.45
O2 N37 E . 15.52 0.69 -11.34
O3 N37 E . 15.44 -1.00 -9.52
O4 N37 E . 17.16 -8.04 -6.32
O5 N37 E . 15.18 -7.40 -5.65
O6 N37 E . 8.52 -10.37 -12.25
C1 GOL F . 17.20 -11.65 -32.38
O1 GOL F . 15.92 -12.15 -32.17
C2 GOL F . 18.05 -12.06 -31.16
O2 GOL F . 17.76 -13.34 -30.72
C3 GOL F . 19.51 -11.92 -31.63
O3 GOL F . 19.74 -12.95 -32.55
C1 GOL G . -0.70 4.88 -18.88
O1 GOL G . -0.96 3.80 -18.04
C2 GOL G . 0.73 5.35 -18.56
O2 GOL G . 0.81 6.07 -17.38
C3 GOL G . 1.17 6.19 -19.79
O3 GOL G . 1.40 5.28 -20.82
C1 GOL H . 13.33 -23.34 3.84
O1 GOL H . 12.06 -23.92 3.75
C2 GOL H . 13.89 -23.67 5.24
O2 GOL H . 14.88 -22.77 5.63
C3 GOL H . 12.67 -23.65 6.19
O3 GOL H . 13.13 -24.04 7.45
C1 GOL I . 28.16 -23.80 -24.62
O1 GOL I . 29.04 -24.49 -23.80
C2 GOL I . 28.90 -23.51 -25.95
O2 GOL I . 28.03 -23.25 -26.99
C3 GOL I . 29.82 -22.31 -25.64
O3 GOL I . 30.60 -22.09 -26.77
C1 N37 J . 6.14 -16.43 37.71
C2 N37 J . 4.39 -16.59 39.03
C3 N37 J . 4.11 -17.31 36.85
C4 N37 J . 5.41 -16.97 36.61
C5 N37 J . 7.50 -16.50 35.97
C6 N37 J . 8.33 -15.66 37.98
C7 N37 J . 9.62 -16.35 37.73
C8 N37 J . 10.66 -15.35 38.01
C9 N37 J . 9.99 -14.01 37.99
C10 N37 J . 10.63 -13.13 36.97
C11 N37 J . 11.89 -12.50 37.57
C12 N37 J . 11.59 -11.96 38.96
C13 N37 J . 12.51 -10.79 39.28
C14 N37 J . 12.22 -10.26 40.68
C15 N37 J . 12.96 -8.93 40.87
C16 N37 J . 12.36 -11.36 36.65
C17 N37 J . 12.71 -10.47 35.96
C18 N37 J . 13.15 -9.32 35.07
C19 N37 J . 14.31 -8.61 35.35
C20 N37 J . 14.70 -7.56 34.53
C21 N37 J . 13.93 -7.22 33.44
C22 N37 J . 12.77 -7.93 33.15
C23 N37 J . 12.38 -8.98 33.97
C24 N37 J . 11.91 -7.56 31.95
N1 N37 J . 7.28 -16.22 37.19
N2 N37 J . 5.68 -16.22 38.93
N3 N37 J . 3.62 -17.11 38.06
N4 N37 J . 3.28 -17.87 35.80
N5 N37 J . 6.36 -17.02 35.42
N6 N37 J . 10.79 -10.07 40.85
N7 N37 J . 10.48 -7.79 31.98
O1 N37 J . 8.57 -14.24 37.67
O2 N37 J . 9.77 -17.47 38.60
O3 N37 J . 11.22 -15.58 39.32
O4 N37 J . 14.10 -8.77 40.38
O5 N37 J . 12.40 -7.99 41.51
O6 N37 J . 12.42 -7.09 30.98
C1 N37 K . -3.21 6.96 5.80
C2 N37 K . -2.09 8.31 4.49
C3 N37 K . -1.00 7.58 6.38
C4 N37 K . -2.11 6.87 6.70
C5 N37 K . -3.79 5.62 7.45
C6 N37 K . -5.34 6.03 5.75
C7 N37 K . -5.81 4.61 5.81
C8 N37 K . -7.28 4.69 5.86
C9 N37 K . -7.65 6.11 6.16
C10 N37 K . -8.58 6.20 7.32
C11 N37 K . -9.93 5.53 7.05
C12 N37 K . -10.52 5.98 5.71
C13 N37 K . -11.41 7.22 5.87
C14 N37 K . -12.01 7.58 4.51
C15 N37 K . -13.48 7.97 4.67
C16 N37 K . -10.88 5.90 8.19
C17 N37 K . -11.60 6.20 9.07
C18 N37 K . -12.52 6.58 10.24
C19 N37 K . -13.85 6.24 10.20
C20 N37 K . -14.68 6.59 11.25
C21 N37 K . -14.18 7.28 12.34
C22 N37 K . -12.83 7.61 12.37
C23 N37 K . -12.00 7.26 11.32
C24 N37 K . -12.27 8.36 13.58
N1 N37 K . -4.08 6.20 6.36
N2 N37 K . -3.25 7.67 4.68
N3 N37 K . -0.99 8.30 5.28
N4 N37 K . 0.17 7.55 7.24
N5 N37 K . -2.53 5.94 7.84
N6 N37 K . -11.27 8.68 3.93
N7 N37 K . -11.05 9.14 13.44
O1 N37 K . -6.39 6.81 6.45
O2 N37 K . -5.41 3.91 4.62
O3 N37 K . -7.84 4.32 4.58
O4 N37 K . -13.87 9.10 4.27
O5 N37 K . -14.29 7.17 5.21
O6 N37 K . -12.83 8.31 14.63
C1 GOL L . 6.79 2.88 10.56
O1 GOL L . 6.92 4.09 11.25
C2 GOL L . 7.88 2.85 9.46
O2 GOL L . 7.45 2.16 8.34
C3 GOL L . 8.22 4.32 9.17
O3 GOL L . 9.37 4.32 8.38
C1 N37 M . -18.69 10.41 -30.04
C2 N37 M . -20.22 8.98 -29.34
C3 N37 M . -19.07 10.15 -27.71
C4 N37 M . -18.37 10.78 -28.69
C5 N37 M . -17.08 11.91 -30.11
C6 N37 M . -17.91 11.04 -32.13
C7 N37 M . -17.67 12.36 -32.79
C8 N37 M . -17.00 12.07 -34.05
C9 N37 M . -16.50 10.65 -33.97
C10 N37 M . -15.03 10.59 -34.22
C11 N37 M . -14.69 10.98 -35.66
C12 N37 M . -15.55 10.20 -36.67
C13 N37 M . -15.17 8.72 -36.69
C14 N37 M . -14.83 8.27 -38.11
C15 N37 M . -15.76 7.14 -38.54
C16 N37 M . -13.21 10.69 -35.93
C17 N37 M . -12.06 10.48 -36.14
C18 N37 M . -10.59 10.21 -36.41
C19 N37 M . -10.09 10.31 -37.70
C20 N37 M . -8.76 10.05 -37.95
C21 N37 M . -7.91 9.70 -36.91
C22 N37 M . -8.40 9.60 -35.62
C23 N37 M . -9.73 9.85 -35.37
C24 N37 M . -7.46 9.21 -34.48
N1 N37 M . -17.89 11.13 -30.71
N2 N37 M . -19.61 9.52 -30.41
N3 N37 M . -19.99 9.27 -28.04
N4 N37 M . -18.83 10.46 -26.31
N5 N37 M . -17.26 11.82 -28.77
N6 N37 M . -15.01 9.38 -39.02
N7 N37 M . -7.96 8.41 -33.38
O1 N37 M . -16.82 10.17 -32.61
O2 N37 M . -18.92 13.01 -33.04
O3 N37 M . -17.95 12.16 -35.13
O4 N37 M . -15.47 6.45 -39.55
O5 N37 M . -16.80 6.89 -37.88
O6 N37 M . -6.34 9.56 -34.49
#